data_8REK
#
_entry.id   8REK
#
_cell.length_a   73.390
_cell.length_b   214.680
_cell.length_c   57.410
_cell.angle_alpha   90.00
_cell.angle_beta   90.00
_cell.angle_gamma   90.00
#
_symmetry.space_group_name_H-M   'P 21 21 2'
#
loop_
_entity.id
_entity.type
_entity.pdbx_description
1 polymer 'Apical membrane antigen 1 (Fragment)'
2 polymer 'Fab 8.1.1 heavy chain'
3 polymer 'Fab 8.1.1 light chain'
#
loop_
_entity_poly.entity_id
_entity_poly.type
_entity_poly.pdbx_seq_one_letter_code
_entity_poly.pdbx_strand_id
1 'polypeptide(L)'
;SIPTVERSTRMGNPWKAFMEKYDIERTHSSGVRVDLGEDAEVENAKYRIPAGRCPVFGKGIVIENSDVSFLRPVATGDQK
LKDGGFAFPNANDHISPMTLANLKERYKDNVEMMKLNDIALCRTHAASFVMAGDQNSNYRHPAVYDEKEKTCHMLYLSAQ
ENMGPRYCSPDAQNRDAVFCFKPDKDESFENLVYLSKNVRNDWDKKCPRKNLGNAKFGLWVDGNCEEIPYVKEVEAEDLR
ECNRIVFGASASDQPTQYEEEMTDYQKIQQGFRQNNREMIKSAFLPVGAFNSDNFKSKGRGFNWANFDSVKKKCYIFNTK
PTCLINDKNFIATTALSHPQEVDLEFPCSIYKDEIEREIKKQSRNMNLYSVDGERIVLPRIFISNDKESIKCPCEPERIS
QSTCNFYVCNCVEKRAEIKENNQVVIKEEFRNYYENGEEKSNKQMLLLEQKLISEEDLNSAVDHHHHHH
;
A
2 'polypeptide(L)'
;EVQLVESGGGLVKPGGSLKLSCAASGFTFSDYYMYWVRQTPEKRLEWVATINDGGTYTYYPDSVKGRFTISRDNAKNNLY
LQMSSLKSEDTAMYFCARGSQLGRGEFAYWGQGTLVTVSAAKTTPPSVYPLAPGCGDTTGSSVTLGCLVKGYFPESVTVT
WNSGSLSSSVHTFPALLQSGLYTMSSSVTVPSSTWPSQTVTCSVAHPASSTTVDKKLEPS
;
H
3 'polypeptide(L)'
;(PCA)IVLSQSPAILSASPGEKVTMTCRASSSVSYMHWYQQKPGSSPKPWIYATFNLASGVPARFSGSGSGTSYSLTISR
VEAEDAATYYCQQWSSNPPTFGAGTKLELKRADAAPTVSIFPPSSEQLTSGGASVVCFLNNFYPKDINVKWKIDGSERQN
GVLNSWTDQDSKDSTYSMSSTLTLTKDEYERHNSYTCEATHKTSTSPIVKSFNRNEC
;
L
#
# COMPACT_ATOMS: atom_id res chain seq x y z
N THR A 4 25.65 3.92 1.39
CA THR A 4 25.77 5.42 1.23
C THR A 4 24.46 6.15 1.68
N VAL A 5 23.26 5.61 1.26
CA VAL A 5 21.94 6.18 1.57
C VAL A 5 21.40 5.60 2.90
N GLU A 6 21.65 6.33 4.04
CA GLU A 6 21.03 6.07 5.35
C GLU A 6 19.81 6.99 5.48
N ARG A 7 18.82 6.57 6.31
CA ARG A 7 17.56 7.30 6.56
C ARG A 7 17.68 7.98 7.94
N SER A 8 17.11 9.21 8.06
CA SER A 8 17.08 9.96 9.31
C SER A 8 16.04 9.34 10.26
N THR A 9 16.18 9.64 11.58
CA THR A 9 15.21 9.29 12.63
C THR A 9 14.38 10.53 13.06
N ARG A 10 14.93 11.81 12.96
CA ARG A 10 14.19 13.06 13.26
C ARG A 10 12.88 13.09 12.43
N MET A 11 11.73 13.42 13.11
CA MET A 11 10.38 13.44 12.53
C MET A 11 9.86 14.89 12.51
N GLY A 12 10.12 15.59 11.38
CA GLY A 12 9.66 16.96 11.12
C GLY A 12 8.39 16.96 10.28
N ASN A 13 8.07 18.14 9.74
CA ASN A 13 6.94 18.34 8.87
C ASN A 13 7.32 19.47 7.87
N PRO A 14 7.42 19.21 6.50
CA PRO A 14 7.63 20.31 5.54
C PRO A 14 6.45 21.32 5.39
N TRP A 15 5.22 20.88 5.74
CA TRP A 15 4.00 21.68 5.68
C TRP A 15 3.84 22.78 6.78
N LYS A 16 4.65 22.76 7.90
CA LYS A 16 4.50 23.64 9.08
C LYS A 16 4.30 25.12 8.70
N ALA A 17 5.18 25.65 7.79
CA ALA A 17 5.13 27.07 7.35
C ALA A 17 3.88 27.37 6.51
N PHE A 18 3.65 26.55 5.44
CA PHE A 18 2.47 26.63 4.55
C PHE A 18 1.13 26.54 5.30
N MET A 19 1.04 25.61 6.31
CA MET A 19 -0.22 25.29 7.04
C MET A 19 -0.47 26.15 8.31
N GLU A 20 0.39 27.17 8.62
CA GLU A 20 0.26 27.98 9.84
C GLU A 20 -0.99 28.90 9.75
N LYS A 21 -1.36 29.40 8.52
CA LYS A 21 -2.60 30.17 8.31
C LYS A 21 -3.91 29.34 8.52
N TYR A 22 -3.88 27.98 8.40
CA TYR A 22 -5.05 27.10 8.66
C TYR A 22 -5.10 26.63 10.13
N ASP A 23 -4.00 26.81 10.94
CA ASP A 23 -4.06 26.71 12.39
C ASP A 23 -4.87 27.93 12.89
N ILE A 24 -6.21 27.79 12.91
CA ILE A 24 -7.16 28.87 13.18
C ILE A 24 -7.11 29.28 14.67
N GLU A 25 -6.96 28.32 15.62
CA GLU A 25 -6.77 28.67 17.05
C GLU A 25 -5.57 29.59 17.29
N ARG A 26 -4.42 29.32 16.61
CA ARG A 26 -3.23 30.17 16.72
C ARG A 26 -3.43 31.51 16.00
N THR A 27 -3.71 31.47 14.66
CA THR A 27 -3.71 32.67 13.80
C THR A 27 -4.98 33.55 13.94
N HIS A 28 -6.16 33.02 14.40
CA HIS A 28 -7.41 33.81 14.59
C HIS A 28 -7.61 34.14 16.08
N SER A 29 -7.52 33.09 16.96
CA SER A 29 -7.58 33.21 18.42
C SER A 29 -8.96 33.68 18.96
N SER A 30 -10.07 33.48 18.17
CA SER A 30 -11.43 33.88 18.58
C SER A 30 -12.41 33.18 17.64
N GLY A 31 -13.72 33.26 17.94
CA GLY A 31 -14.73 32.55 17.18
C GLY A 31 -14.94 33.14 15.79
N VAL A 32 -15.48 32.31 14.86
CA VAL A 32 -15.64 32.63 13.43
C VAL A 32 -17.10 33.03 13.15
N ARG A 33 -18.05 32.08 13.44
CA ARG A 33 -19.50 32.27 13.23
C ARG A 33 -19.98 33.45 14.10
N VAL A 34 -19.80 33.30 15.44
CA VAL A 34 -20.05 34.32 16.43
C VAL A 34 -18.67 34.57 17.07
N ASP A 35 -18.23 35.86 17.11
CA ASP A 35 -16.88 36.33 17.45
C ASP A 35 -17.06 37.30 18.62
N LEU A 36 -16.79 36.83 19.87
CA LEU A 36 -16.99 37.58 21.13
C LEU A 36 -15.86 37.17 22.10
N GLY A 37 -14.60 37.41 21.64
CA GLY A 37 -13.38 36.93 22.29
C GLY A 37 -12.76 37.88 23.34
N GLU A 38 -12.93 39.22 23.18
CA GLU A 38 -12.31 40.22 24.05
C GLU A 38 -13.43 40.86 24.88
N ASP A 39 -13.12 41.23 26.15
CA ASP A 39 -14.03 41.94 27.06
C ASP A 39 -13.71 43.44 26.93
N ALA A 40 -14.72 44.31 27.16
CA ALA A 40 -14.57 45.77 27.07
C ALA A 40 -15.66 46.47 27.89
N GLU A 41 -15.27 47.60 28.57
CA GLU A 41 -16.19 48.37 29.41
C GLU A 41 -17.10 49.18 28.46
N VAL A 42 -18.44 49.21 28.74
CA VAL A 42 -19.42 50.00 27.96
C VAL A 42 -20.32 50.71 28.98
N GLU A 43 -20.02 52.03 29.28
CA GLU A 43 -20.69 52.88 30.28
C GLU A 43 -20.16 52.52 31.70
N ASN A 44 -20.51 51.29 32.19
CA ASN A 44 -20.08 50.77 33.51
C ASN A 44 -19.79 49.26 33.42
N ALA A 45 -20.81 48.43 33.03
CA ALA A 45 -20.68 46.96 32.98
C ALA A 45 -19.72 46.49 31.87
N LYS A 46 -19.26 45.23 32.02
CA LYS A 46 -18.25 44.58 31.17
C LYS A 46 -19.02 43.76 30.12
N TYR A 47 -18.65 43.92 28.79
CA TYR A 47 -19.33 43.24 27.66
C TYR A 47 -18.29 42.64 26.74
N ARG A 48 -18.71 41.61 25.95
CA ARG A 48 -17.85 40.84 25.03
C ARG A 48 -18.09 41.35 23.61
N ILE A 49 -16.98 41.49 22.79
CA ILE A 49 -17.01 42.08 21.42
C ILE A 49 -16.07 41.29 20.49
N PRO A 50 -16.20 41.39 19.09
CA PRO A 50 -15.24 40.84 18.11
C PRO A 50 -13.74 41.06 18.38
N ALA A 51 -12.95 39.94 18.37
CA ALA A 51 -11.51 39.94 18.64
C ALA A 51 -10.69 39.14 17.62
N GLY A 52 -11.29 38.69 16.46
CA GLY A 52 -10.63 37.75 15.58
C GLY A 52 -9.48 38.43 14.85
N ARG A 53 -8.30 37.75 14.80
CA ARG A 53 -7.10 38.33 14.20
C ARG A 53 -7.12 38.27 12.63
N CYS A 54 -8.17 37.65 11.94
CA CYS A 54 -8.24 37.41 10.49
C CYS A 54 -9.59 37.87 9.98
N PRO A 55 -9.74 38.20 8.66
CA PRO A 55 -11.04 38.53 8.10
C PRO A 55 -11.86 37.27 7.84
N VAL A 56 -13.23 37.44 7.83
CA VAL A 56 -14.22 36.40 7.51
C VAL A 56 -14.85 36.79 6.14
N PHE A 57 -14.44 36.10 5.05
CA PHE A 57 -14.92 36.40 3.69
C PHE A 57 -16.30 35.76 3.45
N GLY A 58 -17.34 36.60 3.13
CA GLY A 58 -18.72 36.14 2.86
C GLY A 58 -19.71 36.25 4.06
N LYS A 59 -19.25 36.70 5.28
CA LYS A 59 -20.08 36.76 6.49
C LYS A 59 -21.00 38.01 6.46
N GLY A 60 -22.21 37.85 7.03
CA GLY A 60 -23.13 38.95 7.22
C GLY A 60 -24.28 38.51 8.13
N ILE A 61 -24.95 39.48 8.78
CA ILE A 61 -26.05 39.21 9.70
C ILE A 61 -27.37 39.21 8.86
N VAL A 62 -28.08 38.03 8.80
CA VAL A 62 -29.43 37.93 8.23
C VAL A 62 -30.39 38.34 9.36
N ILE A 63 -31.10 39.50 9.21
CA ILE A 63 -32.16 39.90 10.13
C ILE A 63 -33.40 39.05 9.72
N GLU A 64 -34.06 38.37 10.71
CA GLU A 64 -35.30 37.63 10.44
C GLU A 64 -36.45 38.61 10.30
N ASN A 65 -37.39 38.34 9.32
CA ASN A 65 -38.59 39.15 9.06
C ASN A 65 -38.18 40.60 8.73
N SER A 66 -37.34 40.74 7.68
CA SER A 66 -36.75 42.00 7.28
C SER A 66 -36.29 41.98 5.81
N ASP A 67 -36.89 42.90 4.99
CA ASP A 67 -36.34 43.31 3.71
C ASP A 67 -35.08 44.22 3.90
N VAL A 68 -34.90 44.87 5.12
CA VAL A 68 -33.81 45.81 5.37
C VAL A 68 -32.48 45.03 5.47
N SER A 69 -31.39 45.60 4.90
CA SER A 69 -30.03 45.04 5.01
C SER A 69 -29.46 45.36 6.39
N PHE A 70 -28.57 44.49 6.92
CA PHE A 70 -27.82 44.79 8.16
C PHE A 70 -26.77 45.92 7.90
N LEU A 71 -26.25 46.04 6.64
CA LEU A 71 -25.33 47.12 6.26
C LEU A 71 -25.99 48.50 6.26
N ARG A 72 -27.39 48.61 6.20
CA ARG A 72 -28.07 49.89 6.34
C ARG A 72 -27.87 50.44 7.79
N PRO A 73 -27.98 51.79 8.05
CA PRO A 73 -27.83 52.35 9.40
C PRO A 73 -28.78 51.83 10.51
N VAL A 74 -28.37 52.03 11.81
CA VAL A 74 -29.19 51.64 12.97
C VAL A 74 -30.44 52.54 12.99
N ALA A 75 -31.59 51.94 13.41
CA ALA A 75 -32.89 52.58 13.40
C ALA A 75 -32.97 53.65 14.52
N THR A 76 -32.99 54.98 14.12
CA THR A 76 -32.88 56.12 15.05
C THR A 76 -34.27 56.71 15.42
N GLY A 77 -34.67 56.54 16.71
CA GLY A 77 -35.75 57.31 17.33
C GLY A 77 -37.16 56.95 16.83
N ASP A 78 -37.60 57.68 15.78
CA ASP A 78 -38.89 57.41 15.13
C ASP A 78 -38.87 56.05 14.40
N GLN A 79 -37.66 55.62 13.84
CA GLN A 79 -37.51 54.30 13.23
C GLN A 79 -37.61 53.24 14.36
N LYS A 80 -38.87 52.78 14.63
CA LYS A 80 -39.21 51.82 15.69
C LYS A 80 -39.04 50.38 15.18
N LEU A 81 -39.36 49.37 16.08
CA LEU A 81 -39.24 47.90 15.84
C LEU A 81 -37.73 47.42 15.64
N LYS A 82 -36.69 48.33 15.87
CA LYS A 82 -35.28 48.12 15.51
C LYS A 82 -35.04 47.68 14.02
N ASP A 83 -36.01 47.94 13.05
CA ASP A 83 -35.96 47.40 11.67
C ASP A 83 -35.36 48.47 10.75
N GLY A 84 -34.02 48.61 10.85
CA GLY A 84 -33.18 49.45 10.00
C GLY A 84 -31.90 48.71 9.62
N GLY A 85 -31.06 48.40 10.64
CA GLY A 85 -29.83 47.65 10.43
C GLY A 85 -28.85 47.76 11.62
N PHE A 86 -27.59 47.39 11.34
CA PHE A 86 -26.47 47.29 12.30
C PHE A 86 -25.39 48.39 12.13
N ALA A 87 -25.25 49.02 10.90
CA ALA A 87 -24.17 49.99 10.62
C ALA A 87 -24.42 51.33 11.31
N PHE A 88 -23.39 52.23 11.28
CA PHE A 88 -23.47 53.57 11.88
C PHE A 88 -24.65 54.41 11.31
N PRO A 89 -25.33 55.28 12.16
CA PRO A 89 -26.26 56.30 11.66
C PRO A 89 -25.63 57.18 10.56
N ASN A 90 -26.42 57.49 9.50
CA ASN A 90 -25.96 58.20 8.30
C ASN A 90 -26.06 59.71 8.58
N ALA A 91 -25.12 60.21 9.42
CA ALA A 91 -25.14 61.58 9.92
C ALA A 91 -24.67 62.59 8.85
N ASN A 92 -23.44 62.33 8.29
CA ASN A 92 -22.78 63.20 7.25
C ASN A 92 -22.01 62.39 6.16
N ASP A 93 -21.21 61.34 6.59
CA ASP A 93 -20.39 60.42 5.77
C ASP A 93 -19.00 61.02 5.53
N HIS A 94 -18.28 61.32 6.68
CA HIS A 94 -16.83 61.49 6.72
C HIS A 94 -16.16 60.38 7.62
N ILE A 95 -16.96 59.49 8.39
CA ILE A 95 -16.43 58.32 9.15
C ILE A 95 -17.02 56.99 8.58
N SER A 96 -18.32 56.99 8.16
CA SER A 96 -19.00 55.79 7.64
C SER A 96 -20.29 56.17 6.88
N PRO A 97 -20.60 55.60 5.64
CA PRO A 97 -19.68 54.79 4.83
C PRO A 97 -18.57 55.65 4.24
N MET A 98 -17.59 54.96 3.64
CA MET A 98 -16.52 55.57 2.87
C MET A 98 -16.29 54.76 1.62
N THR A 99 -16.08 55.46 0.47
CA THR A 99 -15.46 54.85 -0.69
C THR A 99 -13.99 54.61 -0.35
N LEU A 100 -13.36 53.63 -1.03
CA LEU A 100 -11.92 53.41 -0.93
C LEU A 100 -11.16 54.68 -1.38
N ALA A 101 -11.65 55.39 -2.46
CA ALA A 101 -11.14 56.70 -2.92
C ALA A 101 -11.07 57.74 -1.77
N ASN A 102 -12.17 57.89 -0.98
CA ASN A 102 -12.25 58.86 0.14
C ASN A 102 -11.37 58.43 1.36
N LEU A 103 -11.11 57.10 1.56
CA LEU A 103 -10.09 56.65 2.56
C LEU A 103 -8.68 57.09 2.12
N LYS A 104 -8.33 56.92 0.79
CA LYS A 104 -7.04 57.39 0.24
C LYS A 104 -6.95 58.95 0.24
N GLU A 105 -8.12 59.67 0.05
CA GLU A 105 -8.14 61.15 0.13
C GLU A 105 -7.92 61.62 1.58
N ARG A 106 -8.65 60.99 2.57
CA ARG A 106 -8.59 61.39 3.99
C ARG A 106 -7.19 61.15 4.57
N TYR A 107 -6.65 59.90 4.40
CA TYR A 107 -5.32 59.49 4.90
C TYR A 107 -4.28 59.57 3.76
N LYS A 108 -4.25 60.72 3.02
CA LYS A 108 -3.38 60.90 1.86
C LYS A 108 -1.95 61.20 2.30
N ASP A 109 -1.80 62.16 3.27
CA ASP A 109 -0.50 62.60 3.81
C ASP A 109 0.26 61.47 4.56
N ASN A 110 -0.49 60.56 5.29
CA ASN A 110 0.13 59.46 6.05
C ASN A 110 0.79 58.45 5.07
N VAL A 111 2.03 58.01 5.41
CA VAL A 111 2.86 57.14 4.56
C VAL A 111 2.38 55.68 4.73
N GLU A 112 2.48 55.17 5.99
CA GLU A 112 2.22 53.75 6.33
C GLU A 112 0.74 53.33 6.16
N MET A 113 -0.25 54.26 6.31
CA MET A 113 -1.67 53.96 6.04
C MET A 113 -1.92 53.69 4.52
N MET A 114 -1.26 54.48 3.63
CA MET A 114 -1.35 54.31 2.18
C MET A 114 -0.63 53.00 1.72
N LYS A 115 0.42 52.53 2.47
CA LYS A 115 1.05 51.21 2.23
C LYS A 115 0.11 49.99 2.54
N LEU A 116 -0.99 50.18 3.35
CA LEU A 116 -1.90 49.07 3.69
C LEU A 116 -2.77 48.70 2.47
N ASN A 117 -3.33 47.47 2.51
CA ASN A 117 -4.27 46.96 1.50
C ASN A 117 -5.67 47.53 1.81
N ASP A 118 -6.63 47.31 0.88
CA ASP A 118 -8.04 47.79 0.96
C ASP A 118 -8.80 47.31 2.23
N ILE A 119 -8.59 46.03 2.65
CA ILE A 119 -9.28 45.44 3.82
C ILE A 119 -8.69 46.07 5.10
N ALA A 120 -7.33 46.06 5.21
CA ALA A 120 -6.57 46.65 6.33
C ALA A 120 -6.90 48.14 6.53
N LEU A 121 -6.89 48.93 5.42
CA LEU A 121 -7.20 50.39 5.41
C LEU A 121 -8.58 50.67 5.99
N CYS A 122 -9.61 49.93 5.53
CA CYS A 122 -10.97 50.05 6.05
C CYS A 122 -11.04 49.76 7.57
N ARG A 123 -10.38 48.66 8.01
CA ARG A 123 -10.36 48.23 9.39
C ARG A 123 -9.62 49.25 10.27
N THR A 124 -8.33 49.62 9.87
CA THR A 124 -7.44 50.56 10.59
C THR A 124 -8.16 51.87 10.88
N HIS A 125 -8.86 52.41 9.85
CA HIS A 125 -9.81 53.54 9.94
C HIS A 125 -10.92 53.27 11.00
N ALA A 126 -11.68 52.16 10.78
CA ALA A 126 -12.83 51.79 11.62
C ALA A 126 -12.48 51.55 13.12
N ALA A 127 -11.21 51.12 13.44
CA ALA A 127 -10.73 50.97 14.83
C ALA A 127 -9.91 52.20 15.30
N SER A 128 -10.41 53.45 15.02
CA SER A 128 -9.78 54.73 15.43
C SER A 128 -10.75 55.65 16.23
N PHE A 129 -12.02 55.16 16.57
CA PHE A 129 -13.11 55.99 17.07
C PHE A 129 -13.37 55.65 18.55
N VAL A 130 -13.59 56.71 19.38
CA VAL A 130 -13.56 56.64 20.85
C VAL A 130 -14.73 57.49 21.39
N SER A 137 -10.67 53.14 27.34
CA SER A 137 -11.37 51.85 27.02
C SER A 137 -10.70 51.16 25.81
N ASN A 138 -10.81 49.79 25.76
CA ASN A 138 -10.34 48.97 24.62
C ASN A 138 -11.50 48.67 23.63
N TYR A 139 -12.76 49.23 23.82
CA TYR A 139 -13.85 49.05 22.86
C TYR A 139 -13.52 49.81 21.57
N ARG A 140 -13.53 49.09 20.41
CA ARG A 140 -13.60 49.65 19.07
C ARG A 140 -14.75 48.96 18.32
N HIS A 141 -15.24 49.61 17.25
CA HIS A 141 -16.37 49.14 16.45
C HIS A 141 -15.88 48.11 15.39
N PRO A 142 -16.61 46.95 15.13
CA PRO A 142 -16.28 46.06 14.01
C PRO A 142 -16.72 46.72 12.72
N ALA A 143 -16.09 46.33 11.59
CA ALA A 143 -16.37 46.87 10.25
C ALA A 143 -16.74 45.77 9.27
N VAL A 144 -17.28 46.19 8.10
CA VAL A 144 -17.63 45.33 6.98
C VAL A 144 -17.15 46.04 5.71
N TYR A 145 -16.18 45.41 4.96
CA TYR A 145 -15.66 45.96 3.70
C TYR A 145 -16.31 45.20 2.52
N ASP A 146 -17.23 45.89 1.77
CA ASP A 146 -17.76 45.40 0.50
C ASP A 146 -16.67 45.64 -0.57
N GLU A 147 -16.12 44.54 -1.16
CA GLU A 147 -15.07 44.62 -2.18
C GLU A 147 -15.61 45.07 -3.53
N LYS A 148 -16.83 44.54 -3.93
CA LYS A 148 -17.55 44.88 -5.17
C LYS A 148 -17.71 46.41 -5.30
N GLU A 149 -18.31 47.05 -4.26
CA GLU A 149 -18.59 48.50 -4.24
C GLU A 149 -17.44 49.36 -3.60
N LYS A 150 -16.29 48.71 -3.13
CA LYS A 150 -15.15 49.35 -2.44
C LYS A 150 -15.60 50.30 -1.31
N THR A 151 -16.57 49.80 -0.47
CA THR A 151 -17.20 50.58 0.58
C THR A 151 -16.75 50.01 1.92
N CYS A 152 -16.61 50.90 2.95
CA CYS A 152 -16.18 50.55 4.30
C CYS A 152 -17.30 50.92 5.29
N HIS A 153 -18.16 49.89 5.66
CA HIS A 153 -19.26 50.06 6.61
C HIS A 153 -18.77 49.79 8.04
N MET A 154 -18.77 50.84 8.90
CA MET A 154 -18.56 50.69 10.35
C MET A 154 -19.88 50.13 10.94
N LEU A 155 -19.80 49.03 11.78
CA LEU A 155 -20.98 48.46 12.47
C LEU A 155 -21.07 49.02 13.88
N TYR A 156 -22.28 49.52 14.25
CA TYR A 156 -22.56 50.07 15.57
C TYR A 156 -22.83 48.89 16.52
N LEU A 157 -23.77 48.01 16.11
CA LEU A 157 -24.07 46.78 16.83
C LEU A 157 -22.92 45.74 16.66
N SER A 158 -22.13 45.52 17.76
CA SER A 158 -21.10 44.49 17.81
C SER A 158 -21.67 43.05 17.82
N ALA A 159 -23.00 42.82 18.19
CA ALA A 159 -23.62 41.48 18.23
C ALA A 159 -23.71 40.84 16.83
N GLN A 160 -23.96 39.50 16.84
CA GLN A 160 -23.99 38.64 15.62
C GLN A 160 -25.18 37.69 15.60
N GLU A 161 -25.46 36.96 16.73
CA GLU A 161 -26.64 36.09 16.89
C GLU A 161 -27.57 36.66 17.98
N ASN A 162 -28.90 36.50 17.75
CA ASN A 162 -29.92 36.74 18.75
C ASN A 162 -31.14 35.93 18.29
N MET A 163 -31.17 34.62 18.69
CA MET A 163 -32.14 33.66 18.18
C MET A 163 -32.57 32.73 19.35
N GLY A 164 -32.99 33.35 20.47
CA GLY A 164 -33.28 32.64 21.71
C GLY A 164 -34.64 31.94 21.70
N PRO A 165 -34.99 31.18 22.78
CA PRO A 165 -36.27 30.45 22.85
C PRO A 165 -37.54 31.28 23.14
N ARG A 166 -37.41 32.41 23.92
CA ARG A 166 -38.57 33.20 24.34
C ARG A 166 -39.13 34.04 23.18
N TYR A 167 -38.32 35.02 22.66
CA TYR A 167 -38.78 36.08 21.75
C TYR A 167 -38.11 35.97 20.37
N CYS A 168 -38.56 34.98 19.53
CA CYS A 168 -38.08 34.84 18.12
C CYS A 168 -38.91 33.88 17.23
N SER A 169 -39.34 32.72 17.77
CA SER A 169 -40.21 31.75 17.05
C SER A 169 -41.55 32.42 16.63
N PRO A 170 -42.24 31.96 15.47
CA PRO A 170 -43.44 32.65 14.89
C PRO A 170 -44.57 33.13 15.87
N ASP A 171 -44.85 34.48 15.88
CA ASP A 171 -45.80 35.13 16.78
C ASP A 171 -46.43 36.33 16.05
N ALA A 177 -41.88 42.92 16.70
CA ALA A 177 -41.20 44.17 17.18
C ALA A 177 -39.82 43.88 17.83
N VAL A 178 -39.72 42.78 18.68
CA VAL A 178 -38.43 42.33 19.25
C VAL A 178 -37.58 41.82 18.07
N PHE A 179 -36.27 42.12 18.14
CA PHE A 179 -35.37 42.14 16.98
C PHE A 179 -34.53 40.85 16.94
N CYS A 180 -34.76 39.97 15.89
CA CYS A 180 -34.11 38.65 15.75
C CYS A 180 -33.16 38.63 14.57
N PHE A 181 -32.07 37.83 14.69
CA PHE A 181 -31.03 37.73 13.67
C PHE A 181 -30.06 36.57 13.96
N LYS A 182 -29.25 36.21 12.94
CA LYS A 182 -28.12 35.25 13.07
C LYS A 182 -27.07 35.53 11.98
N PRO A 183 -25.78 35.07 12.11
CA PRO A 183 -24.79 35.19 11.04
C PRO A 183 -24.96 34.00 10.05
N ASP A 184 -24.70 34.27 8.75
CA ASP A 184 -24.85 33.28 7.66
C ASP A 184 -23.93 33.71 6.51
N LYS A 185 -23.71 32.81 5.54
CA LYS A 185 -23.04 33.07 4.26
C LYS A 185 -24.00 32.70 3.11
N ASP A 186 -24.83 33.69 2.65
CA ASP A 186 -25.65 33.57 1.43
C ASP A 186 -24.90 34.33 0.31
N GLU A 187 -25.41 34.17 -0.94
CA GLU A 187 -24.81 34.74 -2.16
C GLU A 187 -24.77 36.29 -2.13
N SER A 188 -25.82 36.94 -1.56
CA SER A 188 -25.86 38.40 -1.36
C SER A 188 -24.70 38.95 -0.46
N PHE A 189 -24.18 38.13 0.51
CA PHE A 189 -23.05 38.52 1.37
C PHE A 189 -21.64 38.16 0.81
N GLU A 190 -21.50 37.48 -0.39
CA GLU A 190 -20.22 36.84 -0.79
C GLU A 190 -19.02 37.83 -0.95
N ASN A 191 -19.29 39.02 -1.52
CA ASN A 191 -18.28 40.07 -1.71
C ASN A 191 -17.99 40.88 -0.41
N LEU A 192 -18.80 40.71 0.71
CA LEU A 192 -18.55 41.38 1.98
C LEU A 192 -17.43 40.65 2.73
N VAL A 193 -16.83 41.36 3.73
CA VAL A 193 -15.70 40.86 4.56
C VAL A 193 -15.93 41.37 6.01
N TYR A 194 -16.32 40.47 6.97
CA TYR A 194 -16.58 40.87 8.36
C TYR A 194 -15.22 41.06 9.07
N LEU A 195 -15.07 42.20 9.83
CA LEU A 195 -13.79 42.62 10.43
C LEU A 195 -13.99 43.05 11.87
N SER A 196 -13.27 42.40 12.82
CA SER A 196 -13.15 42.88 14.20
C SER A 196 -12.19 44.09 14.24
N LYS A 197 -12.04 44.65 15.44
CA LYS A 197 -11.01 45.68 15.70
C LYS A 197 -9.54 45.14 15.59
N ASN A 198 -9.30 43.77 15.73
CA ASN A 198 -7.96 43.15 15.78
C ASN A 198 -7.51 42.46 14.43
N VAL A 199 -8.25 42.62 13.26
CA VAL A 199 -7.88 41.91 12.02
C VAL A 199 -6.54 42.45 11.55
N ARG A 200 -5.48 41.56 11.55
CA ARG A 200 -4.09 41.93 11.27
C ARG A 200 -3.97 42.54 9.87
N ASN A 201 -3.16 43.61 9.73
CA ASN A 201 -2.95 44.28 8.44
C ASN A 201 -2.21 43.37 7.44
N ASP A 202 -1.39 42.37 7.94
CA ASP A 202 -0.74 41.33 7.13
C ASP A 202 -1.59 40.02 7.03
N TRP A 203 -2.97 40.12 6.98
CA TRP A 203 -3.89 38.97 6.77
C TRP A 203 -3.60 38.22 5.44
N ASP A 204 -3.24 38.99 4.35
CA ASP A 204 -3.00 38.48 2.99
C ASP A 204 -1.92 37.39 2.94
N LYS A 205 -0.88 37.47 3.84
CA LYS A 205 0.24 36.52 3.92
C LYS A 205 0.24 35.66 5.24
N LYS A 206 -0.81 35.80 6.19
CA LYS A 206 -0.92 34.98 7.44
C LYS A 206 -2.32 34.36 7.73
N CYS A 207 -3.44 34.72 6.99
CA CYS A 207 -4.82 34.22 7.24
C CYS A 207 -5.38 33.57 5.97
N PRO A 208 -6.39 32.64 6.07
CA PRO A 208 -6.93 31.98 4.89
C PRO A 208 -7.92 32.90 4.15
N ARG A 209 -7.83 32.91 2.79
CA ARG A 209 -8.76 33.60 1.90
C ARG A 209 -9.26 32.59 0.89
N LYS A 210 -8.35 32.20 -0.04
CA LYS A 210 -8.71 31.38 -1.19
C LYS A 210 -8.89 29.94 -0.73
N ASN A 211 -9.65 29.19 -1.51
CA ASN A 211 -9.82 27.76 -1.35
C ASN A 211 -8.65 27.15 -2.11
N LEU A 212 -8.21 25.95 -1.69
CA LEU A 212 -7.07 25.26 -2.28
C LEU A 212 -7.61 24.18 -3.21
N GLY A 213 -7.51 24.40 -4.55
CA GLY A 213 -7.91 23.42 -5.54
C GLY A 213 -6.91 22.27 -5.57
N ASN A 214 -7.39 21.10 -6.08
CA ASN A 214 -6.60 19.86 -6.22
C ASN A 214 -6.04 19.47 -4.85
N ALA A 215 -6.89 19.51 -3.81
CA ALA A 215 -6.40 19.39 -2.46
C ALA A 215 -7.52 19.08 -1.48
N LYS A 216 -7.22 18.16 -0.53
CA LYS A 216 -7.98 18.01 0.70
C LYS A 216 -6.99 18.07 1.84
N PHE A 217 -7.44 18.61 2.98
CA PHE A 217 -6.71 18.66 4.21
C PHE A 217 -6.49 17.25 4.76
N GLY A 218 -5.40 17.06 5.53
CA GLY A 218 -5.02 15.77 6.10
C GLY A 218 -4.13 15.94 7.34
N LEU A 219 -3.44 14.81 7.72
CA LEU A 219 -2.56 14.72 8.89
C LEU A 219 -1.24 14.06 8.51
N TRP A 220 -0.10 14.67 8.92
CA TRP A 220 1.23 14.16 8.62
C TRP A 220 1.53 12.99 9.60
N VAL A 221 1.58 11.73 9.07
CA VAL A 221 1.82 10.50 9.85
C VAL A 221 3.14 9.92 9.37
N ASP A 222 4.24 10.64 9.70
CA ASP A 222 5.63 10.23 9.45
C ASP A 222 5.92 10.12 7.93
N GLY A 223 6.20 11.25 7.30
CA GLY A 223 6.69 11.29 5.91
C GLY A 223 5.62 11.14 4.80
N ASN A 224 4.29 11.25 5.11
CA ASN A 224 3.24 11.23 4.07
C ASN A 224 1.94 11.76 4.70
N CYS A 225 1.17 12.56 3.91
CA CYS A 225 -0.05 13.18 4.36
C CYS A 225 -1.21 12.18 4.20
N GLU A 226 -1.83 11.78 5.36
CA GLU A 226 -2.88 10.77 5.44
C GLU A 226 -4.23 11.44 5.68
N GLU A 227 -5.32 10.67 5.46
CA GLU A 227 -6.72 11.10 5.63
C GLU A 227 -7.02 11.32 7.13
N ILE A 228 -7.91 12.30 7.43
CA ILE A 228 -8.49 12.42 8.77
C ILE A 228 -9.50 11.25 8.93
N PRO A 229 -9.41 10.32 9.97
CA PRO A 229 -10.44 9.28 10.18
C PRO A 229 -11.83 9.79 10.63
N TYR A 230 -11.85 10.67 11.69
CA TYR A 230 -13.09 11.14 12.32
C TYR A 230 -13.53 12.46 11.63
N VAL A 231 -14.62 12.38 10.77
CA VAL A 231 -15.19 13.52 10.01
C VAL A 231 -16.72 13.38 9.97
N LYS A 232 -17.45 14.54 9.86
CA LYS A 232 -18.91 14.59 9.62
C LYS A 232 -19.16 14.74 8.10
N GLU A 233 -19.77 13.69 7.46
CA GLU A 233 -20.23 13.78 6.07
C GLU A 233 -21.55 14.57 6.06
N VAL A 234 -21.73 15.47 5.04
CA VAL A 234 -23.00 16.16 4.76
C VAL A 234 -23.14 16.27 3.24
N GLU A 235 -24.36 16.61 2.78
CA GLU A 235 -24.66 16.82 1.37
C GLU A 235 -24.41 18.29 1.02
N ALA A 236 -23.44 18.55 0.05
CA ALA A 236 -23.16 19.88 -0.52
C ALA A 236 -23.15 19.72 -2.06
N GLU A 237 -23.98 20.52 -2.79
CA GLU A 237 -24.09 20.45 -4.26
C GLU A 237 -22.84 21.06 -4.90
N ASP A 238 -22.53 22.35 -4.50
CA ASP A 238 -21.37 23.13 -4.95
C ASP A 238 -20.44 23.39 -3.75
N LEU A 239 -19.27 24.02 -4.04
CA LEU A 239 -18.31 24.52 -3.02
C LEU A 239 -18.97 25.54 -2.07
N ARG A 240 -19.90 26.42 -2.59
CA ARG A 240 -20.62 27.42 -1.80
C ARG A 240 -21.37 26.78 -0.63
N GLU A 241 -22.16 25.69 -0.90
CA GLU A 241 -22.94 24.99 0.12
C GLU A 241 -22.02 24.35 1.20
N CYS A 242 -20.82 23.84 0.80
CA CYS A 242 -19.85 23.30 1.76
C CYS A 242 -19.25 24.43 2.66
N ASN A 243 -18.81 25.58 2.03
CA ASN A 243 -18.29 26.78 2.74
C ASN A 243 -19.38 27.42 3.66
N ARG A 244 -20.68 27.34 3.27
CA ARG A 244 -21.81 27.77 4.11
C ARG A 244 -21.94 26.86 5.34
N ILE A 245 -22.00 25.50 5.13
CA ILE A 245 -22.22 24.50 6.20
C ILE A 245 -21.14 24.57 7.27
N VAL A 246 -19.85 24.57 6.83
CA VAL A 246 -18.72 24.62 7.74
C VAL A 246 -18.78 25.89 8.63
N PHE A 247 -19.10 27.09 8.03
CA PHE A 247 -19.31 28.36 8.75
C PHE A 247 -20.43 28.23 9.81
N GLY A 248 -21.54 27.52 9.51
CA GLY A 248 -22.58 27.21 10.50
C GLY A 248 -22.10 26.30 11.64
N ALA A 249 -21.24 25.29 11.31
CA ALA A 249 -20.61 24.41 12.31
C ALA A 249 -19.43 25.06 13.07
N SER A 250 -18.83 26.21 12.58
CA SER A 250 -17.54 26.73 13.06
C SER A 250 -17.61 27.32 14.47
N ALA A 251 -16.38 27.55 15.03
CA ALA A 251 -16.10 28.12 16.34
C ALA A 251 -17.02 29.32 16.64
N SER A 252 -17.89 29.17 17.69
CA SER A 252 -18.90 30.16 18.09
C SER A 252 -18.64 30.55 19.54
N ASP A 253 -18.71 31.87 19.86
CA ASP A 253 -18.48 32.43 21.21
C ASP A 253 -19.81 32.82 21.85
N GLN A 254 -20.81 31.86 21.85
CA GLN A 254 -22.21 32.14 22.23
C GLN A 254 -22.73 31.05 23.17
N LYS A 267 -36.99 45.86 26.89
CA LYS A 267 -35.78 46.24 27.69
C LYS A 267 -34.95 47.28 26.91
N ILE A 268 -34.39 46.85 25.75
CA ILE A 268 -33.51 47.68 24.87
C ILE A 268 -34.36 48.71 24.04
N GLN A 269 -35.62 48.29 23.59
CA GLN A 269 -36.58 49.09 22.78
C GLN A 269 -36.78 50.54 23.29
N GLN A 270 -36.88 50.74 24.64
CA GLN A 270 -37.10 52.06 25.26
C GLN A 270 -35.81 52.91 25.17
N GLY A 271 -34.63 52.30 25.47
CA GLY A 271 -33.32 52.95 25.30
C GLY A 271 -32.96 53.27 23.83
N PHE A 272 -33.34 52.35 22.86
CA PHE A 272 -33.06 52.50 21.41
C PHE A 272 -33.73 53.75 20.80
N ARG A 273 -35.05 53.93 21.05
CA ARG A 273 -35.84 55.08 20.54
C ARG A 273 -35.51 56.45 21.24
N GLN A 274 -34.65 56.49 22.35
CA GLN A 274 -34.16 57.76 22.96
C GLN A 274 -32.82 58.29 22.31
N ASN A 275 -32.20 57.53 21.29
CA ASN A 275 -30.88 57.84 20.69
C ASN A 275 -29.79 57.78 21.77
N ASN A 276 -29.76 56.66 22.55
CA ASN A 276 -28.77 56.44 23.61
C ASN A 276 -27.49 55.96 22.92
N ARG A 277 -26.36 56.69 23.14
CA ARG A 277 -25.08 56.35 22.53
C ARG A 277 -24.50 55.03 23.07
N GLU A 278 -24.60 54.79 24.40
CA GLU A 278 -23.89 53.71 25.11
C GLU A 278 -24.68 52.38 25.17
N MET A 279 -26.03 52.43 25.45
CA MET A 279 -26.86 51.20 25.57
C MET A 279 -27.07 50.50 24.19
N ILE A 280 -27.29 51.31 23.09
CA ILE A 280 -27.42 50.80 21.70
C ILE A 280 -26.08 50.13 21.26
N LYS A 281 -24.91 50.75 21.61
CA LYS A 281 -23.56 50.20 21.34
C LYS A 281 -23.36 48.77 21.95
N SER A 282 -23.98 48.49 23.17
CA SER A 282 -23.96 47.19 23.85
C SER A 282 -25.30 46.40 23.71
N ALA A 283 -26.02 46.52 22.56
CA ALA A 283 -27.33 45.87 22.39
C ALA A 283 -27.10 44.38 22.07
N PHE A 284 -27.80 43.45 22.82
CA PHE A 284 -27.77 41.98 22.65
C PHE A 284 -26.35 41.35 22.94
N LEU A 285 -25.46 42.05 23.72
CA LEU A 285 -24.08 41.57 24.01
C LEU A 285 -24.08 40.81 25.34
N PRO A 286 -23.46 39.57 25.45
CA PRO A 286 -23.21 38.94 26.76
C PRO A 286 -22.24 39.73 27.65
N VAL A 287 -22.24 39.39 28.96
CA VAL A 287 -21.55 40.17 29.99
C VAL A 287 -20.03 39.80 29.97
N ASP A 293 -17.07 32.78 33.82
CA ASP A 293 -17.97 33.44 32.79
C ASP A 293 -17.36 33.41 31.33
N ASN A 294 -16.43 32.41 31.02
CA ASN A 294 -15.63 32.37 29.77
C ASN A 294 -15.90 31.07 28.98
N PHE A 295 -16.92 31.13 28.06
CA PHE A 295 -17.12 30.12 26.99
C PHE A 295 -16.98 30.87 25.65
N LYS A 296 -15.71 31.32 25.42
CA LYS A 296 -15.19 31.84 24.18
C LYS A 296 -14.43 30.65 23.56
N SER A 297 -14.62 30.40 22.27
CA SER A 297 -13.94 29.28 21.59
C SER A 297 -12.41 29.48 21.48
N LYS A 298 -11.93 30.75 21.32
CA LYS A 298 -10.53 31.08 21.01
C LYS A 298 -10.09 30.44 19.64
N GLY A 299 -11.07 30.23 18.67
CA GLY A 299 -10.82 29.59 17.39
C GLY A 299 -10.90 28.04 17.36
N ARG A 300 -11.43 27.36 18.43
CA ARG A 300 -11.55 25.88 18.47
C ARG A 300 -12.96 25.49 18.03
N GLY A 301 -13.09 24.67 16.96
CA GLY A 301 -14.39 24.18 16.50
C GLY A 301 -14.28 23.56 15.12
N PHE A 302 -15.45 23.23 14.51
CA PHE A 302 -15.54 22.63 13.17
C PHE A 302 -15.28 23.72 12.12
N ASN A 303 -14.01 24.16 12.01
CA ASN A 303 -13.62 25.28 11.20
C ASN A 303 -13.22 24.87 9.77
N TRP A 304 -12.91 23.54 9.49
CA TRP A 304 -12.36 23.09 8.20
C TRP A 304 -13.30 22.09 7.58
N ALA A 305 -13.19 21.95 6.27
CA ALA A 305 -13.98 21.03 5.49
C ALA A 305 -13.24 20.67 4.21
N ASN A 306 -13.53 19.47 3.66
CA ASN A 306 -13.03 18.98 2.39
C ASN A 306 -14.24 18.73 1.54
N PHE A 307 -14.30 19.38 0.33
CA PHE A 307 -15.41 19.26 -0.59
C PHE A 307 -15.02 18.32 -1.72
N ASP A 308 -15.81 17.22 -1.95
CA ASP A 308 -15.62 16.30 -3.09
C ASP A 308 -16.52 16.82 -4.25
N SER A 309 -15.89 17.26 -5.37
CA SER A 309 -16.62 17.71 -6.57
C SER A 309 -17.43 16.59 -7.23
N VAL A 310 -16.83 15.34 -7.33
CA VAL A 310 -17.46 14.22 -8.04
C VAL A 310 -18.62 13.66 -7.18
N LYS A 311 -18.31 13.22 -5.93
CA LYS A 311 -19.34 12.69 -5.00
C LYS A 311 -20.39 13.72 -4.53
N LYS A 312 -20.03 15.07 -4.48
CA LYS A 312 -20.91 16.14 -3.95
C LYS A 312 -21.23 15.85 -2.46
N LYS A 313 -20.12 15.64 -1.68
CA LYS A 313 -20.11 15.40 -0.24
C LYS A 313 -19.08 16.39 0.35
N CYS A 314 -19.34 16.88 1.59
CA CYS A 314 -18.54 17.89 2.27
C CYS A 314 -18.15 17.33 3.66
N TYR A 315 -16.86 16.97 3.87
CA TYR A 315 -16.41 16.24 5.08
C TYR A 315 -15.82 17.26 6.10
N ILE A 316 -16.63 17.65 7.17
CA ILE A 316 -16.21 18.67 8.17
C ILE A 316 -15.57 17.97 9.39
N PHE A 317 -14.71 18.71 10.13
CA PHE A 317 -13.92 18.17 11.25
C PHE A 317 -13.34 19.33 12.09
N ASN A 318 -13.02 19.02 13.39
CA ASN A 318 -12.61 20.04 14.41
C ASN A 318 -11.18 19.81 14.99
N THR A 319 -10.23 19.29 14.17
CA THR A 319 -8.81 19.23 14.51
C THR A 319 -8.12 19.97 13.41
N LYS A 320 -7.08 20.77 13.76
CA LYS A 320 -6.40 21.56 12.77
C LYS A 320 -5.66 20.58 11.83
N PRO A 321 -5.70 20.75 10.49
CA PRO A 321 -4.91 19.92 9.59
C PRO A 321 -3.44 20.34 9.66
N THR A 322 -2.53 19.37 9.30
CA THR A 322 -1.06 19.56 9.30
C THR A 322 -0.43 19.30 7.89
N CYS A 323 -1.24 19.22 6.79
CA CYS A 323 -0.75 19.00 5.42
C CYS A 323 -1.95 18.99 4.47
N LEU A 324 -1.66 19.03 3.15
CA LEU A 324 -2.62 18.78 2.08
C LEU A 324 -2.32 17.42 1.45
N ILE A 325 -3.40 16.68 1.08
CA ILE A 325 -3.33 15.54 0.15
C ILE A 325 -3.62 16.15 -1.20
N ASN A 326 -2.85 15.78 -2.25
CA ASN A 326 -3.05 16.27 -3.62
C ASN A 326 -4.06 15.34 -4.31
N ASP A 327 -5.38 15.70 -4.28
CA ASP A 327 -6.48 14.93 -4.90
C ASP A 327 -7.26 15.89 -5.81
N LYS A 328 -7.29 15.59 -7.14
CA LYS A 328 -7.95 16.46 -8.16
C LYS A 328 -9.49 16.61 -7.95
N ASN A 329 -10.17 15.60 -7.32
CA ASN A 329 -11.62 15.66 -7.02
C ASN A 329 -11.98 16.50 -5.76
N PHE A 330 -10.96 17.07 -4.97
CA PHE A 330 -11.22 17.76 -3.72
C PHE A 330 -10.87 19.25 -3.78
N ILE A 331 -11.48 20.05 -2.83
CA ILE A 331 -11.17 21.46 -2.58
C ILE A 331 -11.17 21.65 -1.05
N ALA A 332 -10.00 22.07 -0.47
CA ALA A 332 -9.86 22.32 0.96
C ALA A 332 -10.38 23.72 1.26
N THR A 333 -11.40 23.83 2.20
CA THR A 333 -12.09 25.08 2.53
C THR A 333 -12.21 25.25 4.04
N THR A 334 -12.38 26.53 4.50
CA THR A 334 -12.56 26.88 5.90
C THR A 334 -13.76 27.82 6.04
N ALA A 335 -14.18 28.03 7.29
CA ALA A 335 -15.23 28.98 7.64
C ALA A 335 -14.79 30.44 7.41
N LEU A 336 -13.50 30.75 7.70
CA LEU A 336 -12.90 32.06 7.37
C LEU A 336 -12.75 32.30 5.85
N SER A 337 -12.53 31.22 5.00
CA SER A 337 -12.27 31.33 3.53
C SER A 337 -13.41 32.03 2.75
N HIS A 338 -13.09 32.41 1.50
CA HIS A 338 -14.04 33.03 0.57
C HIS A 338 -14.98 31.93 0.07
N PRO A 339 -16.33 32.19 -0.21
CA PRO A 339 -17.26 31.14 -0.75
C PRO A 339 -17.21 30.72 -2.26
N GLN A 340 -16.11 31.06 -3.00
CA GLN A 340 -16.02 30.88 -4.47
C GLN A 340 -14.58 30.80 -5.05
N GLU A 341 -13.63 31.65 -4.57
CA GLU A 341 -12.26 31.75 -5.11
C GLU A 341 -11.47 30.47 -4.79
N VAL A 342 -10.65 29.97 -5.80
CA VAL A 342 -9.90 28.70 -5.69
C VAL A 342 -8.48 28.90 -6.28
N ASP A 343 -7.41 28.70 -5.45
CA ASP A 343 -6.03 28.65 -5.94
C ASP A 343 -5.82 27.22 -6.46
N LEU A 344 -5.68 27.08 -7.80
CA LEU A 344 -5.46 25.78 -8.46
C LEU A 344 -4.02 25.26 -8.26
N GLU A 345 -2.99 26.18 -8.14
CA GLU A 345 -1.59 25.78 -8.02
C GLU A 345 -1.30 25.18 -6.64
N PHE A 346 -1.32 23.81 -6.56
CA PHE A 346 -0.88 23.07 -5.39
C PHE A 346 0.66 23.30 -5.22
N PRO A 347 1.25 23.36 -3.97
CA PRO A 347 2.72 23.49 -3.81
C PRO A 347 3.43 22.14 -4.07
N CYS A 348 3.54 21.74 -5.36
CA CYS A 348 4.06 20.40 -5.75
C CYS A 348 5.56 20.22 -5.43
N SER A 349 6.36 21.31 -5.58
CA SER A 349 7.80 21.26 -5.27
C SER A 349 8.13 21.06 -3.74
N ILE A 350 7.16 21.36 -2.75
CA ILE A 350 7.36 21.32 -1.25
C ILE A 350 8.22 20.13 -0.74
N TYR A 351 8.00 18.90 -1.30
CA TYR A 351 8.71 17.70 -0.87
C TYR A 351 10.11 17.65 -1.47
N LYS A 352 10.22 17.81 -2.83
CA LYS A 352 11.52 17.85 -3.56
C LYS A 352 12.46 18.93 -2.98
N ASP A 353 11.92 20.13 -2.64
CA ASP A 353 12.67 21.25 -2.00
C ASP A 353 13.25 20.85 -0.63
N GLU A 354 12.40 20.21 0.24
CA GLU A 354 12.79 19.79 1.60
C GLU A 354 13.83 18.66 1.57
N ILE A 355 13.70 17.67 0.62
CA ILE A 355 14.70 16.61 0.43
C ILE A 355 16.05 17.24 -0.01
N GLU A 356 16.00 18.08 -1.08
CA GLU A 356 17.20 18.70 -1.64
C GLU A 356 17.81 19.80 -0.72
N ARG A 357 17.02 20.48 0.20
CA ARG A 357 17.64 21.37 1.24
C ARG A 357 18.39 20.51 2.29
N GLU A 358 17.73 19.36 2.75
CA GLU A 358 18.33 18.40 3.70
C GLU A 358 19.63 17.71 3.20
N ILE A 359 20.01 17.88 1.88
CA ILE A 359 21.37 17.65 1.39
C ILE A 359 22.13 19.06 1.39
N LYS A 360 22.17 19.74 2.61
CA LYS A 360 23.06 20.85 2.92
C LYS A 360 24.10 20.37 3.98
N LYS A 361 24.50 19.04 3.94
CA LYS A 361 25.68 18.52 4.61
C LYS A 361 26.95 18.87 3.78
N GLN A 362 26.81 19.36 2.47
CA GLN A 362 27.92 19.90 1.68
C GLN A 362 28.45 21.19 2.36
N SER A 363 27.55 22.23 2.48
CA SER A 363 27.82 23.57 3.08
C SER A 363 29.04 24.25 2.39
N SER A 370 27.18 16.57 -5.98
CA SER A 370 27.88 15.26 -6.23
C SER A 370 27.93 14.42 -4.93
N VAL A 371 28.18 13.08 -5.10
CA VAL A 371 28.31 12.08 -4.01
C VAL A 371 29.54 11.18 -4.33
N ASP A 372 30.65 11.34 -3.54
CA ASP A 372 31.88 10.53 -3.66
C ASP A 372 32.49 10.33 -2.26
N GLY A 373 32.93 11.44 -1.62
CA GLY A 373 33.41 11.41 -0.24
C GLY A 373 32.25 11.27 0.76
N GLU A 374 31.19 12.11 0.60
CA GLU A 374 30.02 12.11 1.50
C GLU A 374 29.12 10.86 1.27
N ARG A 375 28.41 10.48 2.37
CA ARG A 375 27.21 9.64 2.37
C ARG A 375 26.07 10.59 2.76
N ILE A 376 24.79 10.20 2.44
CA ILE A 376 23.61 11.07 2.56
C ILE A 376 22.65 10.48 3.62
N VAL A 377 22.33 11.29 4.69
CA VAL A 377 21.28 10.96 5.67
C VAL A 377 19.97 11.58 5.13
N LEU A 378 19.13 10.75 4.43
CA LEU A 378 17.87 11.24 3.83
C LEU A 378 16.84 11.57 4.92
N PRO A 379 16.03 12.68 4.80
CA PRO A 379 15.00 13.00 5.82
C PRO A 379 13.80 12.08 5.66
N ARG A 380 12.92 12.08 6.69
CA ARG A 380 11.74 11.22 6.76
C ARG A 380 10.61 11.81 5.92
N ILE A 381 10.74 11.68 4.55
CA ILE A 381 9.76 12.15 3.55
C ILE A 381 9.67 11.04 2.49
N PHE A 382 8.54 10.26 2.52
CA PHE A 382 8.27 9.13 1.63
C PHE A 382 7.28 9.49 0.47
N ILE A 383 7.09 10.81 0.14
CA ILE A 383 6.26 11.29 -0.98
C ILE A 383 7.11 12.33 -1.71
N SER A 384 7.17 12.26 -3.07
CA SER A 384 7.83 13.28 -3.87
C SER A 384 7.37 13.16 -5.35
N ASN A 385 7.35 14.31 -6.06
CA ASN A 385 7.08 14.36 -7.52
C ASN A 385 8.21 13.64 -8.31
N ASP A 386 9.49 13.80 -7.85
CA ASP A 386 10.65 13.04 -8.34
C ASP A 386 10.63 11.67 -7.62
N LYS A 387 10.67 10.53 -8.38
CA LYS A 387 10.65 9.16 -7.78
C LYS A 387 12.02 8.83 -7.13
N GLU A 388 13.13 9.04 -7.90
CA GLU A 388 14.54 8.82 -7.50
C GLU A 388 14.90 9.49 -6.14
N SER A 389 14.38 10.73 -5.91
CA SER A 389 14.59 11.51 -4.67
C SER A 389 14.10 10.81 -3.37
N ILE A 390 12.98 10.00 -3.44
CA ILE A 390 12.41 9.27 -2.26
C ILE A 390 13.42 8.21 -1.77
N LYS A 391 14.00 7.40 -2.71
CA LYS A 391 14.89 6.28 -2.42
C LYS A 391 14.08 5.23 -1.65
N CYS A 392 12.97 4.77 -2.27
CA CYS A 392 12.05 3.84 -1.65
C CYS A 392 12.65 2.43 -1.70
N PRO A 393 12.57 1.56 -0.62
CA PRO A 393 13.00 0.16 -0.74
C PRO A 393 12.31 -0.78 -1.78
N CYS A 394 11.09 -0.41 -2.32
CA CYS A 394 10.37 -1.16 -3.38
C CYS A 394 9.83 -0.15 -4.42
N GLU A 395 9.04 -0.65 -5.42
CA GLU A 395 8.30 0.23 -6.35
C GLU A 395 7.33 1.12 -5.57
N PRO A 396 7.44 2.52 -5.59
CA PRO A 396 6.44 3.36 -4.93
C PRO A 396 5.13 3.42 -5.73
N GLU A 397 4.09 3.98 -5.08
CA GLU A 397 2.76 4.10 -5.65
C GLU A 397 2.68 5.45 -6.39
N ARG A 398 2.58 5.42 -7.77
CA ARG A 398 2.23 6.61 -8.55
C ARG A 398 0.76 6.88 -8.27
N ILE A 399 0.43 8.03 -7.58
CA ILE A 399 -0.95 8.35 -7.23
C ILE A 399 -1.60 8.90 -8.52
N SER A 400 -2.59 8.13 -9.10
CA SER A 400 -3.38 8.54 -10.27
C SER A 400 -4.08 9.90 -10.07
N GLN A 401 -4.66 10.09 -8.85
CA GLN A 401 -5.44 11.26 -8.51
C GLN A 401 -4.54 12.51 -8.20
N SER A 402 -3.15 12.36 -8.07
CA SER A 402 -2.22 13.47 -7.85
C SER A 402 -1.99 14.27 -9.16
N THR A 403 -2.41 15.57 -9.16
CA THR A 403 -2.09 16.51 -10.24
C THR A 403 -0.57 16.75 -10.36
N CYS A 404 0.15 16.77 -9.22
CA CYS A 404 1.61 16.93 -9.19
C CYS A 404 2.41 15.74 -9.76
N ASN A 405 1.78 14.51 -9.93
CA ASN A 405 2.44 13.29 -10.40
C ASN A 405 3.38 12.81 -9.30
N PHE A 406 2.80 12.66 -8.06
CA PHE A 406 3.54 12.25 -6.88
C PHE A 406 3.65 10.74 -6.83
N TYR A 407 4.88 10.25 -6.47
CA TYR A 407 5.14 8.87 -6.09
C TYR A 407 5.08 8.83 -4.56
N VAL A 408 4.55 7.71 -3.96
CA VAL A 408 4.34 7.55 -2.50
C VAL A 408 4.91 6.19 -2.07
N CYS A 409 6.00 6.20 -1.24
CA CYS A 409 6.67 5.00 -0.78
C CYS A 409 5.96 4.46 0.48
N ASN A 410 5.29 3.28 0.33
CA ASN A 410 4.55 2.60 1.39
C ASN A 410 5.43 1.60 2.15
N CYS A 411 6.26 0.80 1.43
CA CYS A 411 7.01 -0.34 2.00
C CYS A 411 8.16 0.09 2.95
N VAL A 412 7.77 0.60 4.13
CA VAL A 412 8.67 1.25 5.07
C VAL A 412 7.91 1.40 6.41
N GLU A 413 8.61 1.12 7.54
CA GLU A 413 8.00 1.07 8.86
C GLU A 413 7.78 2.51 9.36
N LYS A 414 6.50 2.96 9.41
CA LYS A 414 6.16 4.27 9.96
C LYS A 414 6.25 4.16 11.50
N ARG A 415 6.68 5.29 12.15
CA ARG A 415 6.87 5.40 13.59
C ARG A 415 5.75 6.23 14.23
N ALA A 416 4.51 6.22 13.64
CA ALA A 416 3.40 7.00 14.15
C ALA A 416 2.10 6.47 13.56
N GLU A 417 1.00 6.91 14.17
CA GLU A 417 -0.35 6.48 13.82
C GLU A 417 -1.32 7.54 14.27
N ILE A 418 -2.59 7.44 13.79
CA ILE A 418 -3.67 8.35 14.14
C ILE A 418 -4.54 7.63 15.20
N LYS A 419 -4.41 8.05 16.49
CA LYS A 419 -5.19 7.53 17.63
C LYS A 419 -6.63 8.15 17.61
N GLU A 420 -7.36 8.09 18.77
CA GLU A 420 -8.69 8.70 18.89
C GLU A 420 -8.55 10.24 18.89
N ASN A 421 -9.64 10.93 18.47
CA ASN A 421 -9.73 12.40 18.30
C ASN A 421 -8.71 12.93 17.26
N ASN A 422 -8.39 12.10 16.18
CA ASN A 422 -7.44 12.44 15.10
C ASN A 422 -6.01 12.81 15.61
N GLN A 423 -5.59 12.28 16.82
CA GLN A 423 -4.31 12.63 17.42
C GLN A 423 -3.22 11.80 16.75
N VAL A 424 -2.25 12.48 16.05
CA VAL A 424 -1.06 11.81 15.58
C VAL A 424 -0.21 11.58 16.85
N VAL A 425 0.28 10.34 17.05
CA VAL A 425 1.02 9.93 18.23
C VAL A 425 2.20 9.08 17.77
N ILE A 426 3.27 9.05 18.59
CA ILE A 426 4.43 8.21 18.34
C ILE A 426 3.97 6.80 18.68
N LYS A 427 4.32 5.79 17.83
CA LYS A 427 4.02 4.38 18.12
C LYS A 427 4.75 3.93 19.40
N GLU A 428 4.12 2.96 20.17
CA GLU A 428 4.65 2.37 21.42
C GLU A 428 6.13 1.91 21.27
N GLU A 429 6.44 1.23 20.12
CA GLU A 429 7.75 0.66 19.78
C GLU A 429 8.89 1.72 19.80
N PHE A 430 8.61 2.99 19.32
CA PHE A 430 9.59 4.10 19.25
C PHE A 430 9.25 5.27 20.23
N ARG A 431 8.59 4.99 21.40
CA ARG A 431 8.28 6.05 22.40
C ARG A 431 9.56 6.62 23.07
N ASN A 432 10.55 5.75 23.38
CA ASN A 432 11.70 6.09 24.20
C ASN A 432 12.76 6.95 23.48
N TYR A 433 12.93 6.80 22.13
CA TYR A 433 13.96 7.55 21.38
C TYR A 433 13.62 9.06 21.30
N TYR A 434 12.33 9.39 21.00
CA TYR A 434 11.85 10.78 20.85
C TYR A 434 11.41 11.29 22.22
N GLU B 1 2.74 -9.56 -23.71
CA GLU B 1 2.75 -9.72 -22.22
C GLU B 1 4.16 -9.50 -21.66
N VAL B 2 4.25 -9.39 -20.32
CA VAL B 2 5.52 -9.21 -19.61
C VAL B 2 6.28 -10.55 -19.69
N GLN B 3 7.62 -10.46 -19.88
CA GLN B 3 8.52 -11.59 -20.17
C GLN B 3 9.79 -11.44 -19.31
N LEU B 4 9.99 -12.39 -18.34
CA LEU B 4 11.21 -12.50 -17.54
C LEU B 4 11.78 -13.89 -17.81
N VAL B 5 13.11 -13.94 -18.17
CA VAL B 5 13.82 -15.16 -18.58
C VAL B 5 15.21 -15.10 -17.92
N GLU B 6 15.46 -15.96 -16.88
CA GLU B 6 16.74 -16.02 -16.20
C GLU B 6 17.66 -17.00 -16.95
N SER B 7 18.99 -16.87 -16.73
CA SER B 7 19.99 -17.80 -17.27
C SER B 7 21.34 -17.60 -16.54
N GLY B 8 22.22 -18.61 -16.69
CA GLY B 8 23.59 -18.59 -16.19
C GLY B 8 23.79 -19.20 -14.78
N GLY B 9 22.96 -20.25 -14.42
CA GLY B 9 23.12 -21.02 -13.18
C GLY B 9 23.86 -22.34 -13.44
N GLY B 10 24.36 -22.98 -12.37
CA GLY B 10 25.08 -24.27 -12.48
C GLY B 10 25.80 -24.63 -11.19
N LEU B 11 26.79 -25.57 -11.30
CA LEU B 11 27.63 -25.96 -10.17
C LEU B 11 28.63 -24.84 -9.90
N VAL B 12 28.90 -24.55 -8.58
CA VAL B 12 29.98 -23.63 -8.13
C VAL B 12 30.57 -24.22 -6.84
N LYS B 13 31.93 -24.14 -6.66
CA LYS B 13 32.60 -24.64 -5.45
C LYS B 13 32.27 -23.69 -4.26
N PRO B 14 32.13 -24.16 -2.95
CA PRO B 14 31.86 -23.24 -1.81
C PRO B 14 33.06 -22.29 -1.55
N GLY B 15 32.81 -20.94 -1.69
CA GLY B 15 33.81 -19.88 -1.55
C GLY B 15 34.11 -19.12 -2.87
N GLY B 16 33.70 -19.67 -4.08
CA GLY B 16 34.01 -19.08 -5.38
C GLY B 16 33.06 -17.92 -5.77
N SER B 17 32.68 -17.85 -7.09
CA SER B 17 31.87 -16.76 -7.63
C SER B 17 31.01 -17.21 -8.81
N LEU B 18 29.94 -16.43 -9.09
CA LEU B 18 29.08 -16.58 -10.28
C LEU B 18 28.27 -15.30 -10.46
N LYS B 19 27.93 -14.97 -11.75
CA LYS B 19 27.04 -13.86 -12.13
C LYS B 19 25.82 -14.51 -12.81
N LEU B 20 24.62 -13.88 -12.62
CA LEU B 20 23.36 -14.30 -13.24
C LEU B 20 22.92 -13.22 -14.22
N SER B 21 21.93 -13.57 -15.07
CA SER B 21 21.32 -12.68 -16.06
C SER B 21 19.81 -12.91 -16.04
N CYS B 22 19.03 -11.86 -16.41
CA CYS B 22 17.57 -11.88 -16.47
C CYS B 22 17.11 -10.97 -17.63
N ALA B 23 16.70 -11.58 -18.78
CA ALA B 23 16.24 -10.84 -19.96
C ALA B 23 14.83 -10.29 -19.68
N ALA B 24 14.55 -9.01 -20.12
CA ALA B 24 13.28 -8.30 -19.89
C ALA B 24 12.68 -7.87 -21.24
N SER B 25 11.33 -8.02 -21.41
CA SER B 25 10.65 -7.63 -22.65
C SER B 25 9.13 -7.54 -22.42
N GLY B 26 8.44 -6.87 -23.36
CA GLY B 26 7.00 -6.56 -23.27
C GLY B 26 6.63 -5.42 -22.28
N PHE B 27 7.61 -4.55 -21.87
CA PHE B 27 7.37 -3.37 -21.04
C PHE B 27 8.65 -2.52 -21.10
N THR B 28 8.50 -1.18 -20.87
CA THR B 28 9.65 -0.27 -20.81
C THR B 28 10.40 -0.57 -19.49
N PHE B 29 11.56 -1.29 -19.61
CA PHE B 29 12.36 -1.81 -18.48
C PHE B 29 12.85 -0.70 -17.52
N SER B 30 13.28 0.46 -18.06
CA SER B 30 13.78 1.58 -17.26
C SER B 30 12.74 2.24 -16.33
N ASP B 31 11.42 2.14 -16.64
CA ASP B 31 10.37 2.76 -15.82
C ASP B 31 10.09 2.02 -14.48
N TYR B 32 10.62 0.75 -14.26
CA TYR B 32 10.29 -0.07 -13.10
C TYR B 32 11.53 -0.41 -12.27
N TYR B 33 11.29 -0.71 -10.97
CA TYR B 33 12.26 -1.35 -10.10
C TYR B 33 12.34 -2.84 -10.53
N MET B 34 13.49 -3.49 -10.17
CA MET B 34 13.70 -4.91 -10.36
C MET B 34 14.25 -5.48 -9.06
N TYR B 35 13.98 -6.79 -8.84
CA TYR B 35 14.32 -7.50 -7.61
C TYR B 35 14.93 -8.86 -7.96
N TRP B 36 15.43 -9.56 -6.90
CA TRP B 36 15.89 -10.97 -6.96
C TRP B 36 15.31 -11.72 -5.75
N VAL B 37 14.71 -12.91 -6.00
CA VAL B 37 14.06 -13.77 -4.99
C VAL B 37 14.58 -15.19 -5.23
N ARG B 38 14.98 -15.92 -4.14
CA ARG B 38 15.47 -17.31 -4.24
C ARG B 38 14.49 -18.22 -3.50
N GLN B 39 14.56 -19.56 -3.81
CA GLN B 39 13.76 -20.60 -3.15
C GLN B 39 14.69 -21.78 -2.84
N THR B 40 14.72 -22.23 -1.56
CA THR B 40 15.60 -23.30 -1.09
C THR B 40 15.07 -24.67 -1.55
N PRO B 41 15.84 -25.80 -1.38
CA PRO B 41 15.26 -27.16 -1.45
C PRO B 41 14.11 -27.45 -0.43
N GLU B 42 14.17 -26.78 0.78
CA GLU B 42 13.13 -26.85 1.81
C GLU B 42 11.84 -26.03 1.41
N LYS B 43 11.89 -25.20 0.30
CA LYS B 43 10.77 -24.46 -0.30
C LYS B 43 10.48 -23.25 0.59
N ARG B 44 11.54 -22.41 0.82
CA ARG B 44 11.50 -21.18 1.62
C ARG B 44 11.85 -20.01 0.70
N LEU B 45 10.83 -19.18 0.37
CA LEU B 45 11.03 -17.98 -0.44
C LEU B 45 11.75 -16.94 0.42
N GLU B 46 12.81 -16.29 -0.17
CA GLU B 46 13.63 -15.27 0.51
C GLU B 46 13.97 -14.18 -0.52
N TRP B 47 13.76 -12.89 -0.15
CA TRP B 47 14.17 -11.75 -0.94
C TRP B 47 15.70 -11.63 -0.89
N VAL B 48 16.35 -11.47 -2.08
CA VAL B 48 17.83 -11.51 -2.23
C VAL B 48 18.35 -10.07 -2.37
N ALA B 49 17.76 -9.26 -3.30
CA ALA B 49 18.18 -7.86 -3.52
C ALA B 49 17.11 -7.07 -4.27
N THR B 50 17.23 -5.71 -4.19
CA THR B 50 16.40 -4.73 -4.90
C THR B 50 17.33 -3.76 -5.62
N ILE B 51 16.93 -3.31 -6.87
CA ILE B 51 17.56 -2.21 -7.59
C ILE B 51 16.44 -1.28 -8.10
N ASN B 52 16.73 0.06 -8.12
CA ASN B 52 15.76 1.09 -8.54
C ASN B 52 15.84 1.26 -10.08
N ASP B 53 15.03 2.23 -10.62
CA ASP B 53 14.91 2.56 -12.05
C ASP B 53 16.30 2.75 -12.73
N GLY B 54 17.04 3.81 -12.29
CA GLY B 54 18.31 4.20 -12.89
C GLY B 54 19.57 3.51 -12.31
N GLY B 55 19.44 2.54 -11.34
CA GLY B 55 20.58 1.91 -10.70
C GLY B 55 21.39 2.86 -9.76
N THR B 56 20.71 3.91 -9.19
CA THR B 56 21.34 4.90 -8.30
C THR B 56 21.33 4.39 -6.82
N TYR B 57 20.35 3.47 -6.42
CA TYR B 57 20.24 2.91 -5.07
C TYR B 57 19.87 1.41 -5.17
N THR B 58 20.69 0.52 -4.50
CA THR B 58 20.41 -0.91 -4.32
C THR B 58 20.17 -1.16 -2.82
N TYR B 59 19.41 -2.26 -2.49
CA TYR B 59 19.09 -2.67 -1.10
C TYR B 59 19.26 -4.19 -1.03
N TYR B 60 19.77 -4.69 0.14
CA TYR B 60 20.06 -6.13 0.33
C TYR B 60 19.85 -6.48 1.80
N PRO B 61 19.48 -7.78 2.17
CA PRO B 61 19.39 -8.17 3.56
C PRO B 61 20.81 -8.48 4.10
N ASP B 62 20.90 -8.56 5.43
CA ASP B 62 22.14 -8.87 6.13
C ASP B 62 22.60 -10.35 5.89
N SER B 63 21.69 -11.29 5.43
CA SER B 63 22.07 -12.65 5.03
C SER B 63 23.02 -12.68 3.79
N VAL B 64 22.94 -11.64 2.84
CA VAL B 64 23.84 -11.54 1.66
C VAL B 64 24.47 -10.11 1.53
N LYS B 65 24.86 -9.48 2.69
CA LYS B 65 25.53 -8.16 2.69
C LYS B 65 26.98 -8.35 2.24
N GLY B 66 27.51 -7.44 1.36
CA GLY B 66 28.94 -7.45 0.97
C GLY B 66 29.29 -8.41 -0.20
N ARG B 67 28.79 -9.66 -0.13
CA ARG B 67 28.98 -10.68 -1.14
C ARG B 67 28.24 -10.33 -2.44
N PHE B 68 26.89 -10.18 -2.34
CA PHE B 68 26.01 -10.06 -3.50
C PHE B 68 26.01 -8.62 -4.01
N THR B 69 25.81 -8.45 -5.36
CA THR B 69 25.82 -7.15 -6.06
C THR B 69 24.83 -7.23 -7.25
N ILE B 70 23.64 -6.58 -7.09
CA ILE B 70 22.61 -6.45 -8.13
C ILE B 70 23.06 -5.31 -9.09
N SER B 71 22.69 -5.43 -10.38
CA SER B 71 23.01 -4.43 -11.40
C SER B 71 22.11 -4.66 -12.59
N ARG B 72 22.01 -3.61 -13.45
CA ARG B 72 21.10 -3.60 -14.60
C ARG B 72 21.74 -2.85 -15.78
N ASP B 73 21.65 -3.47 -17.01
CA ASP B 73 21.99 -2.86 -18.29
C ASP B 73 20.66 -2.42 -18.93
N ASN B 74 20.19 -1.20 -18.55
CA ASN B 74 18.98 -0.56 -19.13
C ASN B 74 19.08 -0.31 -20.65
N ALA B 75 20.36 -0.12 -21.19
CA ALA B 75 20.65 0.02 -22.61
C ALA B 75 19.99 -1.07 -23.47
N LYS B 76 20.20 -2.38 -23.10
CA LYS B 76 19.63 -3.54 -23.81
C LYS B 76 18.82 -4.48 -22.88
N ASN B 77 17.96 -3.87 -21.95
CA ASN B 77 16.98 -4.53 -21.03
C ASN B 77 17.49 -5.85 -20.39
N ASN B 78 18.41 -5.71 -19.40
CA ASN B 78 18.97 -6.83 -18.64
C ASN B 78 19.12 -6.45 -17.17
N LEU B 79 19.02 -7.49 -16.29
CA LEU B 79 19.28 -7.42 -14.87
C LEU B 79 20.27 -8.55 -14.59
N TYR B 80 21.19 -8.33 -13.59
CA TYR B 80 22.23 -9.28 -13.21
C TYR B 80 22.31 -9.36 -11.69
N LEU B 81 23.09 -10.37 -11.21
CA LEU B 81 23.39 -10.54 -9.80
C LEU B 81 24.74 -11.25 -9.66
N GLN B 82 25.82 -10.48 -9.33
CA GLN B 82 27.11 -11.06 -8.94
C GLN B 82 26.93 -11.71 -7.57
N MET B 83 27.66 -12.86 -7.34
CA MET B 83 27.50 -13.70 -6.14
C MET B 83 28.91 -14.15 -5.66
N SER B 84 29.63 -13.25 -4.93
CA SER B 84 30.97 -13.54 -4.35
C SER B 84 30.81 -14.41 -3.11
N SER B 85 31.95 -15.06 -2.68
CA SER B 85 32.10 -15.85 -1.43
C SER B 85 30.91 -16.80 -1.18
N LEU B 86 30.59 -17.63 -2.22
CA LEU B 86 29.40 -18.53 -2.23
C LEU B 86 29.48 -19.58 -1.12
N LYS B 87 28.30 -20.12 -0.77
CA LYS B 87 28.13 -21.04 0.33
C LYS B 87 26.98 -21.97 -0.01
N SER B 88 26.94 -23.17 0.64
CA SER B 88 25.85 -24.15 0.48
C SER B 88 24.48 -23.60 0.99
N GLU B 89 24.46 -22.59 1.91
CA GLU B 89 23.25 -21.88 2.35
C GLU B 89 22.62 -21.05 1.19
N ASP B 90 23.45 -20.56 0.20
CA ASP B 90 22.97 -19.87 -1.02
C ASP B 90 22.42 -20.85 -2.11
N THR B 91 22.49 -22.24 -1.91
CA THR B 91 21.98 -23.22 -2.87
C THR B 91 20.44 -23.08 -3.00
N ALA B 92 19.95 -22.68 -4.21
CA ALA B 92 18.54 -22.40 -4.43
C ALA B 92 18.23 -22.24 -5.93
N MET B 93 16.91 -22.22 -6.25
CA MET B 93 16.38 -21.79 -7.55
C MET B 93 16.20 -20.26 -7.42
N TYR B 94 16.85 -19.46 -8.33
CA TYR B 94 16.87 -17.98 -8.28
C TYR B 94 15.87 -17.41 -9.29
N PHE B 95 15.05 -16.38 -8.84
CA PHE B 95 14.00 -15.73 -9.62
C PHE B 95 14.20 -14.19 -9.63
N CYS B 96 14.31 -13.55 -10.85
CA CYS B 96 14.18 -12.08 -10.96
C CYS B 96 12.68 -11.77 -10.92
N ALA B 97 12.30 -10.57 -10.38
CA ALA B 97 10.90 -10.15 -10.27
C ALA B 97 10.75 -8.64 -10.36
N ARG B 98 9.49 -8.21 -10.67
CA ARG B 98 9.12 -6.83 -10.99
C ARG B 98 7.97 -6.36 -10.07
N GLY B 99 7.92 -5.02 -9.80
CA GLY B 99 6.87 -4.41 -9.00
C GLY B 99 5.56 -4.21 -9.81
N SER B 100 4.77 -3.14 -9.44
CA SER B 100 3.49 -2.82 -10.07
C SER B 100 3.20 -1.33 -9.97
N GLN B 101 2.11 -0.90 -10.67
CA GLN B 101 1.55 0.46 -10.56
C GLN B 101 1.08 0.70 -9.10
N LEU B 102 0.41 -0.34 -8.50
CA LEU B 102 0.18 -0.38 -7.05
C LEU B 102 1.55 -0.47 -6.38
N GLY B 103 1.79 0.36 -5.32
CA GLY B 103 3.13 0.52 -4.70
C GLY B 103 3.23 -0.09 -3.32
N ARG B 104 2.67 -1.31 -3.17
CA ARG B 104 2.47 -1.98 -1.88
C ARG B 104 3.56 -3.04 -1.58
N GLY B 105 4.71 -3.11 -2.37
CA GLY B 105 5.76 -4.10 -2.11
C GLY B 105 5.34 -5.52 -2.46
N GLU B 106 4.80 -5.68 -3.68
CA GLU B 106 4.27 -6.93 -4.23
C GLU B 106 5.23 -7.41 -5.31
N PHE B 107 5.14 -8.73 -5.65
CA PHE B 107 5.94 -9.39 -6.66
C PHE B 107 4.99 -9.81 -7.79
N ALA B 108 4.71 -8.88 -8.73
CA ALA B 108 3.68 -9.06 -9.75
C ALA B 108 4.08 -10.00 -10.90
N TYR B 109 5.39 -9.98 -11.31
CA TYR B 109 5.88 -10.81 -12.42
C TYR B 109 7.14 -11.53 -11.94
N TRP B 110 7.27 -12.84 -12.32
CA TRP B 110 8.37 -13.72 -11.97
C TRP B 110 8.80 -14.42 -13.24
N GLY B 111 10.12 -14.66 -13.41
CA GLY B 111 10.60 -15.52 -14.49
C GLY B 111 10.41 -17.00 -14.11
N GLN B 112 10.78 -17.93 -15.03
CA GLN B 112 10.67 -19.39 -14.79
C GLN B 112 11.61 -19.83 -13.63
N GLY B 113 12.86 -19.24 -13.57
CA GLY B 113 13.88 -19.48 -12.56
C GLY B 113 15.16 -20.06 -13.19
N THR B 114 16.31 -19.92 -12.45
CA THR B 114 17.61 -20.51 -12.81
C THR B 114 18.26 -21.04 -11.53
N LEU B 115 18.85 -22.27 -11.60
CA LEU B 115 19.26 -23.06 -10.43
C LEU B 115 20.76 -22.91 -10.18
N VAL B 116 21.15 -22.49 -8.92
CA VAL B 116 22.54 -22.38 -8.47
C VAL B 116 22.76 -23.47 -7.40
N THR B 117 23.51 -24.56 -7.76
CA THR B 117 23.89 -25.65 -6.84
C THR B 117 25.30 -25.35 -6.31
N VAL B 118 25.48 -25.25 -4.94
CA VAL B 118 26.78 -24.92 -4.31
C VAL B 118 27.19 -26.10 -3.39
N SER B 119 27.97 -27.07 -3.98
CA SER B 119 28.58 -28.19 -3.28
C SER B 119 30.03 -28.37 -3.78
N ALA B 120 30.94 -28.82 -2.87
CA ALA B 120 32.36 -29.05 -3.21
C ALA B 120 32.56 -30.26 -4.16
N ALA B 121 31.55 -31.22 -4.26
CA ALA B 121 31.59 -32.32 -5.22
C ALA B 121 31.44 -31.79 -6.66
N LYS B 122 31.94 -32.60 -7.62
CA LYS B 122 32.13 -32.22 -9.02
C LYS B 122 31.02 -32.78 -9.91
N THR B 123 30.99 -32.26 -11.17
CA THR B 123 30.00 -32.59 -12.20
C THR B 123 30.15 -34.05 -12.63
N THR B 124 29.03 -34.67 -13.08
CA THR B 124 29.00 -36.04 -13.63
C THR B 124 27.95 -36.10 -14.76
N PRO B 125 28.18 -36.80 -15.94
CA PRO B 125 27.11 -36.98 -16.94
C PRO B 125 26.11 -38.04 -16.46
N PRO B 126 24.86 -38.12 -17.03
CA PRO B 126 23.87 -39.15 -16.65
C PRO B 126 24.10 -40.48 -17.34
N SER B 127 23.33 -41.50 -16.88
CA SER B 127 23.32 -42.87 -17.41
C SER B 127 21.86 -43.24 -17.77
N VAL B 128 21.48 -42.97 -19.06
CA VAL B 128 20.14 -43.23 -19.56
C VAL B 128 20.01 -44.74 -19.81
N TYR B 129 19.16 -45.44 -18.97
CA TYR B 129 18.86 -46.87 -19.11
C TYR B 129 17.36 -47.03 -19.42
N PRO B 130 16.93 -47.73 -20.56
CA PRO B 130 15.52 -47.89 -20.89
C PRO B 130 14.84 -48.92 -19.98
N LEU B 131 13.49 -48.84 -19.90
CA LEU B 131 12.65 -49.70 -19.08
C LEU B 131 11.53 -50.26 -19.99
N ALA B 132 11.64 -51.59 -20.37
CA ALA B 132 10.67 -52.33 -21.21
C ALA B 132 10.15 -53.56 -20.43
N PRO B 133 8.93 -54.13 -20.77
CA PRO B 133 8.38 -55.29 -20.04
C PRO B 133 8.94 -56.65 -20.50
N SER B 142 -3.31 -51.33 -23.23
CA SER B 142 -2.46 -50.27 -22.58
C SER B 142 -1.25 -50.90 -21.86
N VAL B 143 -0.10 -50.17 -21.83
CA VAL B 143 1.13 -50.62 -21.18
C VAL B 143 1.95 -49.37 -20.78
N THR B 144 2.70 -49.47 -19.63
CA THR B 144 3.58 -48.39 -19.13
C THR B 144 5.03 -48.70 -19.59
N LEU B 145 5.87 -47.64 -19.68
CA LEU B 145 7.30 -47.72 -20.03
C LEU B 145 8.03 -46.66 -19.17
N GLY B 146 9.35 -46.50 -19.39
CA GLY B 146 10.09 -45.42 -18.74
C GLY B 146 11.58 -45.43 -19.11
N CYS B 147 12.31 -44.43 -18.55
CA CYS B 147 13.78 -44.30 -18.69
C CYS B 147 14.35 -43.97 -17.32
N LEU B 148 15.26 -44.86 -16.78
CA LEU B 148 16.02 -44.57 -15.57
C LEU B 148 17.19 -43.64 -15.97
N VAL B 149 17.48 -42.60 -15.11
CA VAL B 149 18.52 -41.59 -15.30
C VAL B 149 19.30 -41.51 -13.98
N LYS B 150 20.37 -42.37 -13.84
CA LYS B 150 21.17 -42.51 -12.61
C LYS B 150 22.56 -41.90 -12.79
N GLY B 151 23.24 -41.65 -11.64
CA GLY B 151 24.66 -41.32 -11.55
C GLY B 151 25.07 -39.99 -12.17
N TYR B 152 24.30 -38.89 -11.87
CA TYR B 152 24.57 -37.53 -12.40
C TYR B 152 24.67 -36.55 -11.24
N PHE B 153 25.27 -35.39 -11.51
CA PHE B 153 25.37 -34.28 -10.55
C PHE B 153 25.84 -33.05 -11.35
N PRO B 154 25.36 -31.78 -11.14
CA PRO B 154 24.26 -31.41 -10.21
C PRO B 154 22.89 -31.61 -10.84
N GLU B 155 21.84 -31.16 -10.09
CA GLU B 155 20.52 -30.93 -10.67
C GLU B 155 20.64 -29.73 -11.68
N SER B 156 19.79 -29.64 -12.75
CA SER B 156 18.66 -30.50 -13.12
C SER B 156 19.01 -31.38 -14.33
N VAL B 157 18.11 -32.35 -14.60
CA VAL B 157 18.00 -33.02 -15.90
C VAL B 157 16.49 -33.08 -16.20
N THR B 158 16.14 -33.02 -17.50
CA THR B 158 14.74 -32.94 -17.98
C THR B 158 14.53 -34.00 -19.08
N VAL B 159 13.61 -34.98 -18.82
CA VAL B 159 13.29 -36.06 -19.73
C VAL B 159 12.11 -35.56 -20.58
N THR B 160 12.17 -35.77 -21.95
CA THR B 160 11.10 -35.40 -22.90
C THR B 160 10.89 -36.61 -23.85
N TRP B 161 9.59 -36.95 -24.12
CA TRP B 161 9.18 -38.17 -24.83
C TRP B 161 8.67 -37.84 -26.24
N ASN B 162 9.10 -38.68 -27.26
CA ASN B 162 8.65 -38.61 -28.66
C ASN B 162 8.97 -37.24 -29.27
N LEU B 166 2.43 -38.86 -25.03
CA LEU B 166 1.08 -38.59 -24.43
C LEU B 166 1.28 -38.10 -22.97
N SER B 167 1.57 -36.76 -22.82
CA SER B 167 2.09 -36.14 -21.59
C SER B 167 1.09 -36.03 -20.41
N SER B 168 -0.26 -36.11 -20.67
CA SER B 168 -1.27 -36.24 -19.58
C SER B 168 -1.06 -37.56 -18.77
N SER B 169 -0.58 -38.66 -19.47
CA SER B 169 -0.08 -39.89 -18.85
C SER B 169 1.47 -39.94 -18.93
N VAL B 170 2.15 -38.93 -18.28
CA VAL B 170 3.61 -38.88 -18.08
C VAL B 170 3.84 -38.35 -16.65
N HIS B 171 4.81 -38.98 -15.93
CA HIS B 171 5.12 -38.73 -14.53
C HIS B 171 6.66 -38.63 -14.41
N THR B 172 7.19 -37.47 -13.89
CA THR B 172 8.62 -37.25 -13.68
C THR B 172 8.88 -37.32 -12.16
N PHE B 173 9.58 -38.40 -11.71
CA PHE B 173 9.84 -38.65 -10.29
C PHE B 173 11.03 -37.77 -9.89
N PRO B 174 10.94 -36.89 -8.80
CA PRO B 174 12.06 -36.01 -8.42
C PRO B 174 13.31 -36.78 -7.96
N ALA B 175 14.48 -36.15 -8.13
CA ALA B 175 15.76 -36.79 -7.90
C ALA B 175 16.01 -36.96 -6.39
N LEU B 176 16.86 -37.97 -6.05
CA LEU B 176 17.30 -38.27 -4.69
C LEU B 176 18.82 -38.47 -4.71
N LEU B 177 19.53 -37.79 -3.76
CA LEU B 177 20.98 -37.84 -3.65
C LEU B 177 21.33 -39.23 -3.05
N GLN B 178 21.62 -40.25 -3.96
CA GLN B 178 21.84 -41.65 -3.58
C GLN B 178 23.11 -41.77 -2.73
N SER B 179 24.27 -41.33 -3.28
CA SER B 179 25.53 -41.27 -2.55
C SER B 179 26.49 -40.37 -3.32
N GLY B 180 26.17 -39.05 -3.34
CA GLY B 180 26.93 -38.02 -4.08
C GLY B 180 26.26 -37.64 -5.41
N LEU B 181 25.87 -38.68 -6.23
CA LEU B 181 25.20 -38.52 -7.52
C LEU B 181 23.67 -38.66 -7.32
N TYR B 182 22.89 -37.85 -8.10
CA TYR B 182 21.43 -37.88 -8.12
C TYR B 182 20.93 -39.02 -9.01
N THR B 183 19.75 -39.61 -8.62
CA THR B 183 19.09 -40.71 -9.34
C THR B 183 17.60 -40.37 -9.44
N MET B 184 17.04 -40.40 -10.70
CA MET B 184 15.61 -40.21 -10.97
C MET B 184 15.19 -41.16 -12.11
N SER B 185 13.85 -41.31 -12.26
CA SER B 185 13.22 -42.01 -13.35
C SER B 185 12.06 -41.14 -13.87
N SER B 186 11.53 -41.53 -15.03
CA SER B 186 10.37 -40.88 -15.64
C SER B 186 9.65 -41.93 -16.49
N SER B 187 8.30 -42.06 -16.30
CA SER B 187 7.45 -43.08 -16.94
C SER B 187 6.54 -42.43 -17.99
N VAL B 188 5.90 -43.29 -18.80
CA VAL B 188 4.94 -42.89 -19.81
C VAL B 188 4.04 -44.10 -20.14
N THR B 189 2.73 -43.85 -20.41
CA THR B 189 1.74 -44.87 -20.80
C THR B 189 1.33 -44.57 -22.25
N VAL B 190 1.19 -45.66 -23.07
CA VAL B 190 0.79 -45.60 -24.48
C VAL B 190 -0.26 -46.70 -24.71
N PRO B 191 -1.00 -46.71 -25.88
CA PRO B 191 -1.76 -47.89 -26.29
C PRO B 191 -0.73 -49.01 -26.59
N SER B 192 -0.94 -50.23 -25.99
CA SER B 192 0.00 -51.37 -26.07
C SER B 192 0.23 -51.87 -27.51
N SER B 193 -0.83 -51.82 -28.36
CA SER B 193 -0.74 -52.06 -29.81
C SER B 193 0.29 -51.14 -30.53
N THR B 194 0.42 -49.84 -30.09
CA THR B 194 1.28 -48.81 -30.75
C THR B 194 2.75 -48.84 -30.20
N TRP B 195 3.29 -50.08 -29.95
CA TRP B 195 4.69 -50.30 -29.53
C TRP B 195 5.04 -51.81 -29.67
N PRO B 196 6.13 -52.30 -30.39
CA PRO B 196 7.12 -51.45 -31.13
C PRO B 196 6.82 -50.96 -32.59
N SER B 197 5.52 -51.15 -33.09
CA SER B 197 5.07 -50.73 -34.44
C SER B 197 5.34 -49.23 -34.67
N GLN B 198 5.02 -48.40 -33.63
CA GLN B 198 5.51 -47.03 -33.48
C GLN B 198 6.61 -47.05 -32.39
N THR B 199 7.89 -46.80 -32.81
CA THR B 199 9.05 -46.88 -31.91
C THR B 199 9.08 -45.62 -31.00
N VAL B 200 9.04 -45.85 -29.63
CA VAL B 200 9.02 -44.79 -28.61
C VAL B 200 10.49 -44.43 -28.26
N THR B 201 10.76 -43.12 -27.93
CA THR B 201 12.10 -42.60 -27.58
C THR B 201 11.97 -41.46 -26.53
N CYS B 202 12.73 -41.57 -25.36
CA CYS B 202 12.91 -40.48 -24.38
C CYS B 202 14.26 -39.81 -24.68
N SER B 203 14.38 -38.50 -24.29
CA SER B 203 15.59 -37.70 -24.50
C SER B 203 15.88 -36.89 -23.22
N VAL B 204 17.16 -36.98 -22.73
CA VAL B 204 17.59 -36.53 -21.40
C VAL B 204 18.73 -35.51 -21.58
N ALA B 205 18.42 -34.20 -21.35
CA ALA B 205 19.41 -33.11 -21.34
C ALA B 205 19.99 -32.98 -19.93
N HIS B 206 21.33 -32.68 -19.82
CA HIS B 206 22.00 -32.28 -18.58
C HIS B 206 22.79 -31.01 -18.92
N PRO B 207 22.14 -29.78 -18.88
CA PRO B 207 22.85 -28.49 -19.11
C PRO B 207 24.16 -28.15 -18.35
N ALA B 208 24.29 -28.66 -17.07
CA ALA B 208 25.46 -28.39 -16.21
C ALA B 208 26.70 -29.09 -16.76
N SER B 209 26.60 -30.42 -16.99
CA SER B 209 27.62 -31.19 -17.72
C SER B 209 27.68 -30.77 -19.21
N SER B 210 26.51 -30.31 -19.78
CA SER B 210 26.36 -29.79 -21.15
C SER B 210 26.42 -30.97 -22.13
N THR B 211 25.48 -31.95 -21.90
CA THR B 211 25.37 -33.20 -22.63
C THR B 211 23.88 -33.55 -22.78
N THR B 212 23.49 -34.07 -24.00
CA THR B 212 22.15 -34.62 -24.30
C THR B 212 22.35 -36.08 -24.72
N VAL B 213 21.45 -36.99 -24.22
CA VAL B 213 21.44 -38.41 -24.56
C VAL B 213 19.96 -38.80 -24.77
N ASP B 214 19.71 -39.76 -25.70
CA ASP B 214 18.37 -40.31 -25.99
C ASP B 214 18.53 -41.82 -26.26
N LYS B 215 17.43 -42.59 -25.97
CA LYS B 215 17.41 -44.04 -26.09
C LYS B 215 16.00 -44.51 -26.50
N LYS B 216 15.92 -45.52 -27.41
CA LYS B 216 14.69 -46.15 -27.87
C LYS B 216 14.52 -47.46 -27.08
N LEU B 217 13.32 -47.68 -26.46
CA LEU B 217 13.05 -48.90 -25.69
C LEU B 217 12.80 -50.07 -26.68
N GLU B 218 13.50 -51.24 -26.49
CA GLU B 218 13.34 -52.45 -27.34
C GLU B 218 12.11 -53.27 -26.83
N PRO B 219 11.45 -54.14 -27.69
CA PRO B 219 10.17 -54.81 -27.34
C PRO B 219 10.24 -56.17 -26.65
N SER B 220 9.02 -56.70 -26.31
CA SER B 220 8.78 -58.05 -25.78
C SER B 220 9.37 -58.20 -24.36
N PCA C 1 13.97 -9.11 10.86
CA PCA C 1 13.17 -10.10 10.19
CB PCA C 1 14.08 -11.37 10.26
CG PCA C 1 15.48 -10.80 10.42
CD PCA C 1 15.26 -9.40 10.96
OE PCA C 1 16.13 -8.67 11.45
C PCA C 1 11.74 -10.34 10.89
O PCA C 1 11.73 -10.85 12.10
N ILE C 2 10.61 -9.95 10.19
CA ILE C 2 9.20 -10.28 10.64
C ILE C 2 8.98 -11.76 10.32
N VAL C 3 8.58 -12.58 11.35
CA VAL C 3 8.46 -14.04 11.21
C VAL C 3 6.97 -14.35 10.91
N LEU C 4 6.65 -14.68 9.60
CA LEU C 4 5.31 -15.07 9.18
C LEU C 4 5.14 -16.58 9.40
N SER C 5 4.10 -16.98 10.18
CA SER C 5 3.82 -18.35 10.60
C SER C 5 2.55 -18.84 9.89
N GLN C 6 2.74 -19.61 8.78
CA GLN C 6 1.63 -20.25 8.07
C GLN C 6 1.27 -21.54 8.77
N SER C 7 -0.06 -21.76 8.87
CA SER C 7 -0.65 -22.91 9.52
C SER C 7 -2.07 -23.16 8.93
N PRO C 8 -2.52 -24.42 8.56
CA PRO C 8 -1.72 -25.66 8.67
C PRO C 8 -0.69 -25.77 7.53
N ALA C 9 0.31 -26.65 7.73
CA ALA C 9 1.36 -26.93 6.75
C ALA C 9 0.80 -27.71 5.56
N ILE C 10 -0.08 -28.73 5.85
CA ILE C 10 -0.81 -29.51 4.84
C ILE C 10 -2.32 -29.33 5.11
N LEU C 11 -3.17 -29.26 4.03
CA LEU C 11 -4.62 -29.05 4.12
C LEU C 11 -5.34 -29.89 3.04
N SER C 12 -5.64 -31.17 3.38
CA SER C 12 -6.41 -32.07 2.51
C SER C 12 -7.89 -31.62 2.56
N ALA C 13 -8.60 -31.67 1.39
CA ALA C 13 -9.97 -31.17 1.27
C ALA C 13 -10.63 -31.71 0.01
N SER C 14 -11.85 -32.29 0.12
CA SER C 14 -12.58 -32.82 -1.03
C SER C 14 -13.11 -31.66 -1.91
N PRO C 15 -13.33 -31.85 -3.29
CA PRO C 15 -14.00 -30.85 -4.12
C PRO C 15 -15.42 -30.51 -3.59
N GLY C 16 -15.67 -29.17 -3.34
CA GLY C 16 -16.92 -28.64 -2.75
C GLY C 16 -16.71 -27.84 -1.45
N GLU C 17 -15.68 -28.19 -0.61
CA GLU C 17 -15.54 -27.64 0.74
C GLU C 17 -15.07 -26.15 0.70
N LYS C 18 -15.59 -25.34 1.66
CA LYS C 18 -15.01 -24.02 2.02
C LYS C 18 -13.85 -24.34 2.98
N VAL C 19 -12.56 -24.04 2.58
CA VAL C 19 -11.37 -24.31 3.41
C VAL C 19 -10.49 -23.05 3.49
N THR C 20 -9.95 -22.77 4.73
CA THR C 20 -9.20 -21.57 5.08
C THR C 20 -7.84 -21.99 5.64
N MET C 21 -6.80 -21.14 5.38
CA MET C 21 -5.42 -21.33 5.82
C MET C 21 -4.97 -20.00 6.41
N THR C 22 -4.15 -20.07 7.48
CA THR C 22 -3.82 -18.94 8.33
C THR C 22 -2.39 -18.49 8.04
N CYS C 23 -2.10 -17.21 8.38
CA CYS C 23 -0.78 -16.58 8.30
C CYS C 23 -0.70 -15.60 9.48
N ARG C 24 0.43 -15.61 10.23
CA ARG C 24 0.55 -14.89 11.52
C ARG C 24 1.94 -14.23 11.63
N ALA C 25 1.97 -12.86 11.69
CA ALA C 25 3.21 -12.07 11.75
C ALA C 25 3.64 -11.87 13.22
N SER C 26 4.98 -11.71 13.43
CA SER C 26 5.55 -11.43 14.75
C SER C 26 5.17 -10.00 15.18
N SER C 27 5.67 -8.97 14.40
CA SER C 27 5.29 -7.56 14.55
C SER C 27 4.07 -7.28 13.67
N SER C 28 3.43 -6.11 13.90
CA SER C 28 2.21 -5.70 13.19
C SER C 28 2.52 -5.36 11.74
N VAL C 29 1.49 -5.54 10.87
CA VAL C 29 1.59 -5.39 9.40
C VAL C 29 0.33 -4.65 8.90
N SER C 30 0.49 -3.82 7.84
CA SER C 30 -0.62 -3.08 7.22
C SER C 30 -1.53 -4.01 6.41
N TYR C 31 -0.92 -4.82 5.53
CA TYR C 31 -1.64 -5.73 4.63
C TYR C 31 -0.71 -6.87 4.23
N MET C 32 -1.34 -8.02 3.80
CA MET C 32 -0.61 -9.26 3.47
C MET C 32 -0.95 -9.68 2.03
N HIS C 33 0.09 -9.92 1.18
CA HIS C 33 -0.08 -10.44 -0.19
C HIS C 33 0.01 -11.96 -0.07
N TRP C 34 -0.60 -12.70 -1.05
CA TRP C 34 -0.60 -14.17 -1.12
C TRP C 34 -0.19 -14.63 -2.53
N TYR C 35 0.45 -15.84 -2.62
CA TYR C 35 0.99 -16.42 -3.86
C TYR C 35 0.62 -17.90 -3.91
N GLN C 36 0.14 -18.40 -5.11
CA GLN C 36 -0.02 -19.83 -5.40
C GLN C 36 1.24 -20.27 -6.14
N GLN C 37 1.68 -21.55 -5.92
CA GLN C 37 2.80 -22.17 -6.61
C GLN C 37 2.42 -23.61 -6.92
N LYS C 38 2.27 -23.94 -8.24
CA LYS C 38 2.17 -25.33 -8.70
C LYS C 38 3.60 -25.88 -8.86
N PRO C 39 3.82 -27.26 -8.89
CA PRO C 39 5.17 -27.82 -8.94
C PRO C 39 5.89 -27.61 -10.30
N GLY C 40 7.17 -27.18 -10.25
CA GLY C 40 7.98 -26.92 -11.44
C GLY C 40 7.64 -25.59 -12.15
N SER C 41 7.38 -24.52 -11.37
CA SER C 41 7.08 -23.18 -11.89
C SER C 41 7.19 -22.18 -10.75
N SER C 42 7.48 -20.91 -11.09
CA SER C 42 7.65 -19.85 -10.09
C SER C 42 6.29 -19.47 -9.51
N PRO C 43 6.21 -18.92 -8.24
CA PRO C 43 4.92 -18.58 -7.63
C PRO C 43 4.29 -17.36 -8.31
N LYS C 44 2.95 -17.46 -8.67
CA LYS C 44 2.19 -16.38 -9.32
C LYS C 44 1.46 -15.55 -8.25
N PRO C 45 1.31 -14.17 -8.39
CA PRO C 45 0.53 -13.37 -7.42
C PRO C 45 -0.94 -13.75 -7.44
N TRP C 46 -1.53 -13.95 -6.21
CA TRP C 46 -2.87 -14.52 -6.05
C TRP C 46 -3.83 -13.53 -5.40
N ILE C 47 -3.42 -12.95 -4.25
CA ILE C 47 -4.16 -11.88 -3.57
C ILE C 47 -3.13 -10.76 -3.27
N TYR C 48 -3.46 -9.47 -3.66
CA TYR C 48 -2.66 -8.29 -3.37
C TYR C 48 -3.33 -7.52 -2.24
N ALA C 49 -2.65 -7.46 -1.06
CA ALA C 49 -2.95 -6.52 0.01
C ALA C 49 -4.26 -6.89 0.71
N THR C 50 -4.23 -8.05 1.39
CA THR C 50 -5.29 -8.57 2.25
C THR C 50 -6.50 -9.07 1.42
N PHE C 51 -7.28 -8.13 0.85
CA PHE C 51 -8.58 -8.38 0.24
C PHE C 51 -8.54 -8.50 -1.29
N ASN C 52 -7.70 -7.67 -2.00
CA ASN C 52 -7.87 -7.46 -3.46
C ASN C 52 -7.27 -8.64 -4.25
N LEU C 53 -8.17 -9.48 -4.88
CA LEU C 53 -7.77 -10.59 -5.76
C LEU C 53 -6.99 -10.06 -6.97
N ALA C 54 -5.96 -10.82 -7.39
CA ALA C 54 -5.11 -10.43 -8.51
C ALA C 54 -5.82 -10.72 -9.83
N SER C 55 -5.20 -10.23 -10.94
CA SER C 55 -5.74 -10.40 -12.30
C SER C 55 -5.73 -11.89 -12.69
N GLY C 56 -6.84 -12.36 -13.33
CA GLY C 56 -6.96 -13.75 -13.81
C GLY C 56 -7.36 -14.80 -12.74
N VAL C 57 -7.39 -14.45 -11.43
CA VAL C 57 -7.61 -15.42 -10.36
C VAL C 57 -9.13 -15.67 -10.27
N PRO C 58 -9.64 -16.95 -10.07
CA PRO C 58 -11.07 -17.18 -9.80
C PRO C 58 -11.60 -16.46 -8.55
N ALA C 59 -12.82 -15.84 -8.64
CA ALA C 59 -13.47 -15.15 -7.52
C ALA C 59 -13.96 -16.10 -6.37
N ARG C 60 -13.94 -17.47 -6.60
CA ARG C 60 -14.08 -18.50 -5.55
C ARG C 60 -13.10 -18.27 -4.39
N PHE C 61 -11.83 -17.87 -4.72
CA PHE C 61 -10.83 -17.46 -3.73
C PHE C 61 -11.24 -16.12 -3.06
N SER C 62 -10.66 -15.89 -1.88
CA SER C 62 -10.93 -14.72 -1.07
C SER C 62 -9.79 -14.56 -0.07
N GLY C 63 -9.73 -13.37 0.57
CA GLY C 63 -8.70 -13.02 1.55
C GLY C 63 -9.22 -11.99 2.54
N SER C 64 -8.59 -11.96 3.74
CA SER C 64 -9.00 -11.06 4.83
C SER C 64 -7.89 -10.97 5.90
N GLY C 65 -8.13 -10.06 6.90
CA GLY C 65 -7.28 -9.94 8.10
C GLY C 65 -6.97 -8.50 8.49
N SER C 66 -6.16 -8.40 9.57
CA SER C 66 -5.71 -7.15 10.18
C SER C 66 -4.50 -7.43 11.07
N GLY C 67 -3.64 -6.38 11.28
CA GLY C 67 -2.50 -6.39 12.21
C GLY C 67 -1.50 -7.56 12.01
N THR C 68 -1.84 -8.75 12.64
CA THR C 68 -1.02 -9.99 12.65
C THR C 68 -1.78 -11.21 12.06
N SER C 69 -3.11 -11.40 12.36
CA SER C 69 -3.91 -12.51 11.78
C SER C 69 -4.37 -12.16 10.35
N TYR C 70 -3.98 -12.99 9.32
CA TYR C 70 -4.48 -12.92 7.94
C TYR C 70 -4.80 -14.34 7.49
N SER C 71 -5.66 -14.45 6.43
CA SER C 71 -6.30 -15.70 6.08
C SER C 71 -6.82 -15.73 4.64
N LEU C 72 -6.22 -16.62 3.77
CA LEU C 72 -6.75 -16.93 2.44
C LEU C 72 -7.91 -17.90 2.63
N THR C 73 -9.02 -17.73 1.85
CA THR C 73 -10.27 -18.49 1.99
C THR C 73 -10.79 -18.91 0.61
N ILE C 74 -10.81 -20.24 0.34
CA ILE C 74 -11.51 -20.83 -0.82
C ILE C 74 -12.98 -21.05 -0.39
N SER C 75 -13.96 -20.77 -1.30
CA SER C 75 -15.41 -21.00 -1.07
C SER C 75 -15.83 -22.43 -1.48
N ARG C 76 -15.31 -22.92 -2.67
CA ARG C 76 -15.48 -24.31 -3.14
C ARG C 76 -14.16 -24.75 -3.82
N VAL C 77 -13.46 -25.82 -3.26
CA VAL C 77 -12.16 -26.28 -3.80
C VAL C 77 -12.42 -27.04 -5.12
N GLU C 78 -11.42 -27.00 -6.03
CA GLU C 78 -11.40 -27.74 -7.28
C GLU C 78 -9.99 -28.34 -7.43
N ALA C 79 -9.85 -29.41 -8.26
CA ALA C 79 -8.56 -30.11 -8.51
C ALA C 79 -7.44 -29.16 -9.04
N GLU C 80 -7.81 -28.13 -9.87
CA GLU C 80 -6.85 -27.08 -10.32
C GLU C 80 -6.28 -26.18 -9.17
N ASP C 81 -6.96 -26.10 -7.97
CA ASP C 81 -6.42 -25.37 -6.80
C ASP C 81 -5.31 -26.16 -6.05
N ALA C 82 -5.10 -27.52 -6.34
CA ALA C 82 -4.04 -28.34 -5.74
C ALA C 82 -2.67 -27.67 -5.93
N ALA C 83 -2.24 -26.87 -4.92
CA ALA C 83 -1.00 -26.11 -4.98
C ALA C 83 -0.57 -25.65 -3.59
N THR C 84 0.71 -25.23 -3.48
CA THR C 84 1.30 -24.67 -2.26
C THR C 84 1.06 -23.15 -2.30
N TYR C 85 0.56 -22.56 -1.16
CA TYR C 85 0.17 -21.14 -1.05
C TYR C 85 1.07 -20.45 -0.03
N TYR C 86 1.65 -19.25 -0.39
CA TYR C 86 2.63 -18.51 0.44
C TYR C 86 2.10 -17.11 0.69
N CYS C 87 2.09 -16.65 1.99
CA CYS C 87 1.80 -15.27 2.37
C CYS C 87 3.13 -14.52 2.48
N GLN C 88 3.11 -13.20 2.23
CA GLN C 88 4.29 -12.34 2.19
C GLN C 88 3.90 -10.93 2.59
N GLN C 89 4.84 -10.23 3.33
CA GLN C 89 4.67 -8.85 3.75
C GLN C 89 5.84 -8.04 3.24
N TRP C 90 5.59 -6.73 2.98
CA TRP C 90 6.64 -5.75 2.82
C TRP C 90 6.14 -4.41 3.39
N SER C 91 5.58 -4.45 4.65
CA SER C 91 5.18 -3.28 5.43
C SER C 91 6.30 -2.86 6.45
N SER C 92 7.25 -3.82 6.79
CA SER C 92 8.51 -3.53 7.51
C SER C 92 9.64 -4.24 6.80
N ASN C 93 10.80 -3.53 6.67
CA ASN C 93 11.98 -4.01 5.95
C ASN C 93 12.88 -4.85 6.90
N PRO C 94 13.50 -6.02 6.49
CA PRO C 94 13.43 -6.56 5.10
C PRO C 94 12.10 -7.28 4.82
N PRO C 95 11.66 -7.46 3.53
CA PRO C 95 10.46 -8.24 3.22
C PRO C 95 10.66 -9.71 3.54
N THR C 96 9.54 -10.37 4.01
CA THR C 96 9.56 -11.75 4.50
C THR C 96 8.33 -12.50 3.94
N PHE C 97 8.51 -13.84 3.76
CA PHE C 97 7.48 -14.77 3.30
C PHE C 97 7.23 -15.81 4.41
N GLY C 98 6.09 -16.52 4.30
CA GLY C 98 5.77 -17.67 5.14
C GLY C 98 6.42 -18.95 4.60
N ALA C 99 6.33 -20.04 5.41
CA ALA C 99 6.90 -21.35 5.06
C ALA C 99 6.13 -21.97 3.89
N GLY C 100 4.77 -22.04 4.02
CA GLY C 100 3.86 -22.55 3.00
C GLY C 100 2.68 -23.31 3.62
N THR C 101 1.60 -23.47 2.82
CA THR C 101 0.44 -24.31 3.14
C THR C 101 0.14 -25.13 1.88
N LYS C 102 0.42 -26.48 1.89
CA LYS C 102 0.17 -27.34 0.73
C LYS C 102 -1.28 -27.85 0.77
N LEU C 103 -2.14 -27.27 -0.12
CA LEU C 103 -3.46 -27.80 -0.34
C LEU C 103 -3.33 -29.14 -1.10
N GLU C 104 -3.69 -30.26 -0.42
CA GLU C 104 -3.98 -31.53 -1.08
C GLU C 104 -5.49 -31.56 -1.33
N LEU C 105 -5.92 -32.55 -2.14
CA LEU C 105 -7.34 -32.82 -2.41
C LEU C 105 -7.64 -34.30 -2.21
N LYS C 106 -8.91 -34.58 -1.76
CA LYS C 106 -9.42 -35.93 -1.53
C LYS C 106 -10.02 -36.47 -2.84
N ARG C 107 -10.23 -37.80 -2.84
CA ARG C 107 -10.67 -38.57 -4.00
C ARG C 107 -11.16 -39.94 -3.49
N ALA C 108 -11.93 -40.68 -4.35
CA ALA C 108 -12.29 -42.08 -4.11
C ALA C 108 -10.99 -42.91 -4.17
N ASP C 109 -10.74 -43.75 -3.11
CA ASP C 109 -9.44 -44.38 -2.84
C ASP C 109 -9.07 -45.40 -3.95
N ALA C 110 -8.41 -44.90 -5.04
CA ALA C 110 -8.01 -45.72 -6.20
C ALA C 110 -6.68 -46.44 -5.91
N ALA C 111 -6.52 -47.67 -6.51
CA ALA C 111 -5.34 -48.54 -6.37
C ALA C 111 -4.39 -48.30 -7.57
N PRO C 112 -3.03 -48.56 -7.47
CA PRO C 112 -2.10 -48.25 -8.57
C PRO C 112 -2.09 -49.28 -9.72
N THR C 113 -1.53 -48.84 -10.88
CA THR C 113 -1.09 -49.74 -11.95
C THR C 113 0.37 -50.08 -11.63
N VAL C 114 0.59 -51.27 -10.99
CA VAL C 114 1.93 -51.75 -10.67
C VAL C 114 2.48 -52.41 -11.95
N SER C 115 3.81 -52.32 -12.15
CA SER C 115 4.48 -52.89 -13.31
C SER C 115 5.98 -53.00 -13.01
N ILE C 116 6.42 -54.21 -12.55
CA ILE C 116 7.84 -54.51 -12.35
C ILE C 116 8.54 -54.51 -13.73
N PHE C 117 9.82 -54.02 -13.75
CA PHE C 117 10.68 -54.08 -14.92
C PHE C 117 12.08 -54.57 -14.51
N PRO C 118 12.80 -55.38 -15.39
CA PRO C 118 14.18 -55.79 -15.11
C PRO C 118 15.20 -54.65 -15.30
N PRO C 119 16.54 -54.88 -15.05
CA PRO C 119 17.56 -53.89 -15.41
C PRO C 119 17.71 -53.88 -16.92
N SER C 120 18.25 -52.76 -17.45
CA SER C 120 18.47 -52.62 -18.89
C SER C 120 19.58 -53.58 -19.36
N SER C 121 19.54 -53.92 -20.67
CA SER C 121 20.56 -54.74 -21.35
C SER C 121 22.00 -54.11 -21.27
N GLU C 122 22.09 -52.75 -21.32
CA GLU C 122 23.35 -52.02 -21.41
C GLU C 122 24.06 -51.93 -20.04
N GLN C 123 23.28 -51.50 -18.97
CA GLN C 123 23.73 -51.32 -17.55
C GLN C 123 24.64 -52.45 -17.01
N LEU C 124 24.24 -53.72 -17.28
CA LEU C 124 24.96 -54.94 -16.89
C LEU C 124 26.41 -54.99 -17.40
N THR C 125 26.60 -54.82 -18.75
CA THR C 125 27.87 -55.13 -19.46
C THR C 125 29.09 -54.23 -19.04
N SER C 126 28.85 -53.04 -18.38
CA SER C 126 29.92 -52.26 -17.75
C SER C 126 29.34 -51.44 -16.58
N GLY C 127 29.00 -52.16 -15.48
CA GLY C 127 28.45 -51.56 -14.26
C GLY C 127 27.74 -52.61 -13.40
N GLY C 128 26.74 -52.15 -12.60
CA GLY C 128 25.90 -52.98 -11.74
C GLY C 128 24.60 -53.40 -12.46
N ALA C 129 23.47 -53.47 -11.69
CA ALA C 129 22.14 -53.78 -12.22
C ALA C 129 21.09 -53.15 -11.29
N SER C 130 20.11 -52.38 -11.88
CA SER C 130 19.09 -51.65 -11.16
C SER C 130 17.68 -52.16 -11.56
N VAL C 131 17.05 -53.01 -10.67
CA VAL C 131 15.69 -53.55 -10.92
C VAL C 131 14.71 -52.44 -10.51
N VAL C 132 13.62 -52.25 -11.31
CA VAL C 132 12.71 -51.08 -11.21
C VAL C 132 11.26 -51.58 -11.02
N CYS C 133 10.42 -50.71 -10.40
CA CYS C 133 8.98 -50.94 -10.26
C CYS C 133 8.30 -49.55 -10.19
N PHE C 134 7.20 -49.36 -11.00
CA PHE C 134 6.36 -48.14 -10.98
C PHE C 134 5.02 -48.46 -10.33
N LEU C 135 4.41 -47.44 -9.69
CA LEU C 135 3.07 -47.48 -9.10
C LEU C 135 2.42 -46.15 -9.55
N ASN C 136 1.53 -46.20 -10.61
CA ASN C 136 0.97 -44.99 -11.27
C ASN C 136 -0.55 -44.87 -10.97
N ASN C 137 -1.00 -43.62 -10.59
CA ASN C 137 -2.42 -43.25 -10.35
C ASN C 137 -3.03 -44.06 -9.19
N PHE C 138 -2.78 -43.57 -7.94
CA PHE C 138 -3.35 -44.14 -6.70
C PHE C 138 -3.67 -42.99 -5.72
N TYR C 139 -4.48 -43.30 -4.70
CA TYR C 139 -4.77 -42.39 -3.59
C TYR C 139 -5.30 -43.29 -2.43
N PRO C 140 -4.90 -43.13 -1.07
CA PRO C 140 -4.01 -42.04 -0.55
C PRO C 140 -2.50 -42.19 -0.87
N LYS C 141 -1.69 -41.17 -0.43
CA LYS C 141 -0.27 -41.02 -0.83
C LYS C 141 0.66 -42.08 -0.23
N ASP C 142 0.51 -42.43 1.09
CA ASP C 142 1.38 -43.43 1.72
C ASP C 142 1.01 -44.83 1.14
N ILE C 143 2.04 -45.62 0.82
CA ILE C 143 1.91 -46.91 0.14
C ILE C 143 3.24 -47.65 0.41
N ASN C 144 3.18 -48.77 1.18
CA ASN C 144 4.40 -49.49 1.54
C ASN C 144 4.79 -50.35 0.32
N VAL C 145 6.14 -50.45 0.06
CA VAL C 145 6.71 -51.22 -1.06
C VAL C 145 7.85 -52.08 -0.47
N LYS C 146 7.79 -53.44 -0.72
CA LYS C 146 8.80 -54.41 -0.30
C LYS C 146 9.44 -55.02 -1.56
N TRP C 147 10.82 -55.15 -1.57
CA TRP C 147 11.62 -55.74 -2.67
C TRP C 147 12.18 -57.10 -2.22
N LYS C 148 11.47 -58.22 -2.59
CA LYS C 148 11.82 -59.59 -2.16
C LYS C 148 12.63 -60.32 -3.27
N ILE C 149 13.89 -60.76 -2.92
CA ILE C 149 14.79 -61.55 -3.77
C ILE C 149 14.84 -62.98 -3.16
N ASP C 150 14.20 -63.99 -3.86
CA ASP C 150 14.14 -65.41 -3.42
C ASP C 150 13.45 -65.53 -2.04
N GLY C 151 12.24 -64.90 -1.95
CA GLY C 151 11.45 -64.82 -0.71
C GLY C 151 12.16 -64.11 0.48
N SER C 152 13.09 -63.12 0.19
CA SER C 152 13.89 -62.42 1.22
C SER C 152 13.99 -60.93 0.83
N GLU C 153 13.55 -60.01 1.75
CA GLU C 153 13.48 -58.58 1.48
C GLU C 153 14.91 -57.98 1.48
N ARG C 154 15.26 -57.16 0.41
CA ARG C 154 16.62 -56.62 0.26
C ARG C 154 16.78 -55.39 1.13
N GLN C 155 15.91 -54.35 0.91
CA GLN C 155 15.75 -53.14 1.79
C GLN C 155 16.83 -52.01 1.55
N ASN C 156 18.16 -52.34 1.45
CA ASN C 156 19.27 -51.37 1.50
C ASN C 156 19.43 -50.56 0.22
N GLY C 157 19.44 -51.25 -0.96
CA GLY C 157 19.61 -50.57 -2.28
C GLY C 157 18.34 -49.85 -2.85
N VAL C 158 17.17 -49.84 -2.11
CA VAL C 158 15.91 -49.28 -2.60
C VAL C 158 15.94 -47.76 -2.36
N LEU C 159 15.65 -46.96 -3.43
CA LEU C 159 15.37 -45.52 -3.37
C LEU C 159 13.89 -45.36 -3.74
N ASN C 160 13.17 -44.42 -3.04
CA ASN C 160 11.71 -44.23 -3.17
C ASN C 160 11.40 -42.75 -3.38
N SER C 161 10.80 -42.40 -4.57
CA SER C 161 10.45 -41.03 -4.97
C SER C 161 8.98 -41.00 -5.40
N TRP C 162 8.15 -40.13 -4.72
CA TRP C 162 6.76 -39.88 -5.09
C TRP C 162 6.68 -38.66 -5.99
N THR C 163 5.61 -38.60 -6.83
CA THR C 163 5.30 -37.43 -7.63
C THR C 163 4.54 -36.43 -6.75
N ASP C 164 4.25 -35.27 -7.33
CA ASP C 164 3.29 -34.29 -6.80
C ASP C 164 1.89 -34.80 -7.14
N GLN C 165 0.87 -34.27 -6.45
CA GLN C 165 -0.52 -34.60 -6.74
C GLN C 165 -0.86 -34.08 -8.15
N ASP C 166 -1.50 -34.94 -9.01
CA ASP C 166 -1.84 -34.56 -10.38
C ASP C 166 -2.97 -33.50 -10.33
N SER C 167 -2.85 -32.45 -11.17
CA SER C 167 -3.80 -31.35 -11.20
C SER C 167 -5.19 -31.75 -11.77
N LYS C 168 -5.26 -32.77 -12.70
CA LYS C 168 -6.51 -33.18 -13.35
C LYS C 168 -7.40 -33.98 -12.39
N ASP C 169 -6.95 -35.23 -12.04
CA ASP C 169 -7.79 -36.22 -11.29
C ASP C 169 -7.66 -36.10 -9.74
N SER C 170 -6.38 -35.85 -9.21
CA SER C 170 -5.96 -35.73 -7.77
C SER C 170 -5.43 -37.09 -7.21
N THR C 171 -4.60 -37.81 -8.04
CA THR C 171 -3.94 -39.07 -7.68
C THR C 171 -2.45 -38.77 -7.43
N TYR C 172 -1.74 -39.77 -6.82
CA TYR C 172 -0.29 -39.77 -6.62
C TYR C 172 0.29 -40.97 -7.36
N SER C 173 1.62 -40.91 -7.62
CA SER C 173 2.39 -41.95 -8.30
C SER C 173 3.76 -42.08 -7.63
N MET C 174 4.38 -43.31 -7.71
CA MET C 174 5.65 -43.65 -7.07
C MET C 174 6.51 -44.51 -8.03
N SER C 175 7.87 -44.41 -7.88
CA SER C 175 8.87 -45.18 -8.63
C SER C 175 9.95 -45.71 -7.66
N SER C 176 9.83 -47.03 -7.28
CA SER C 176 10.79 -47.73 -6.43
C SER C 176 11.90 -48.31 -7.35
N THR C 177 13.21 -48.17 -6.91
CA THR C 177 14.39 -48.50 -7.73
C THR C 177 15.41 -49.31 -6.85
N LEU C 178 15.37 -50.68 -6.95
CA LEU C 178 16.32 -51.57 -6.27
C LEU C 178 17.64 -51.57 -7.04
N THR C 179 18.81 -51.50 -6.31
CA THR C 179 20.16 -51.42 -6.88
C THR C 179 20.98 -52.63 -6.43
N LEU C 180 21.75 -53.26 -7.38
CA LEU C 180 22.67 -54.39 -7.11
C LEU C 180 23.89 -54.24 -8.04
N THR C 181 24.91 -55.11 -7.81
CA THR C 181 26.01 -55.34 -8.75
C THR C 181 25.56 -56.38 -9.78
N LYS C 182 26.33 -56.51 -10.88
CA LYS C 182 26.07 -57.48 -11.95
C LYS C 182 26.31 -58.93 -11.46
N ASP C 183 27.31 -59.15 -10.52
CA ASP C 183 27.58 -60.46 -9.91
C ASP C 183 26.38 -60.90 -9.06
N GLU C 184 25.99 -60.08 -8.04
CA GLU C 184 24.92 -60.45 -7.10
C GLU C 184 23.51 -60.37 -7.77
N TYR C 185 23.36 -59.68 -8.95
CA TYR C 185 22.15 -59.82 -9.78
C TYR C 185 22.08 -61.28 -10.32
N GLU C 186 23.21 -61.76 -10.92
CA GLU C 186 23.30 -63.10 -11.52
C GLU C 186 23.27 -64.28 -10.49
N ARG C 187 23.56 -64.03 -9.14
CA ARG C 187 23.41 -65.07 -8.10
C ARG C 187 21.93 -65.42 -7.76
N HIS C 188 20.91 -64.51 -8.09
CA HIS C 188 19.51 -64.70 -7.73
C HIS C 188 18.63 -64.79 -8.98
N ASN C 189 17.39 -65.34 -8.77
CA ASN C 189 16.44 -65.74 -9.82
C ASN C 189 15.10 -64.97 -9.66
N SER C 190 14.46 -65.11 -8.47
CA SER C 190 13.20 -64.41 -8.14
C SER C 190 13.47 -62.90 -7.85
N TYR C 191 12.58 -62.01 -8.37
CA TYR C 191 12.62 -60.55 -8.16
C TYR C 191 11.18 -60.04 -8.19
N THR C 192 10.65 -59.56 -7.02
CA THR C 192 9.25 -59.14 -6.84
C THR C 192 9.20 -57.78 -6.14
N CYS C 193 8.26 -56.85 -6.61
CA CYS C 193 7.92 -55.60 -5.92
C CYS C 193 6.50 -55.76 -5.33
N GLU C 194 6.45 -56.39 -4.13
CA GLU C 194 5.20 -56.51 -3.36
C GLU C 194 4.85 -55.11 -2.80
N ALA C 195 3.57 -54.65 -3.02
CA ALA C 195 3.08 -53.31 -2.64
C ALA C 195 1.83 -53.44 -1.75
N THR C 196 1.87 -52.85 -0.49
CA THR C 196 0.77 -52.87 0.49
C THR C 196 0.09 -51.50 0.48
N HIS C 197 -1.15 -51.42 -0.12
CA HIS C 197 -1.98 -50.23 -0.14
C HIS C 197 -3.26 -50.52 0.68
N LYS C 198 -3.93 -49.43 1.15
CA LYS C 198 -5.16 -49.52 1.95
C LYS C 198 -6.40 -50.06 1.17
N THR C 199 -6.39 -50.07 -0.21
CA THR C 199 -7.50 -50.55 -1.03
C THR C 199 -7.81 -52.08 -0.86
N SER C 200 -6.73 -52.94 -0.83
CA SER C 200 -6.84 -54.39 -0.99
C SER C 200 -6.87 -55.18 0.35
N THR C 201 -5.79 -55.01 1.19
CA THR C 201 -5.41 -55.81 2.43
C THR C 201 -4.33 -56.81 2.01
N SER C 202 -4.69 -57.72 1.05
CA SER C 202 -3.74 -58.64 0.42
C SER C 202 -2.86 -57.82 -0.54
N PRO C 203 -1.50 -57.98 -0.60
CA PRO C 203 -0.65 -57.06 -1.36
C PRO C 203 -0.62 -57.30 -2.88
N ILE C 204 -0.44 -56.19 -3.67
CA ILE C 204 -0.30 -56.26 -5.12
C ILE C 204 1.14 -56.68 -5.42
N VAL C 205 1.37 -58.02 -5.63
CA VAL C 205 2.67 -58.56 -6.06
C VAL C 205 2.84 -58.32 -7.57
N LYS C 206 4.11 -58.33 -8.02
CA LYS C 206 4.48 -58.21 -9.43
C LYS C 206 5.92 -58.71 -9.56
N SER C 207 6.10 -59.94 -10.14
CA SER C 207 7.37 -60.68 -10.13
C SER C 207 7.87 -60.96 -11.56
N PHE C 208 9.11 -61.52 -11.62
CA PHE C 208 9.67 -62.08 -12.83
C PHE C 208 10.73 -63.15 -12.46
N ASN C 209 11.23 -63.85 -13.51
CA ASN C 209 12.34 -64.80 -13.44
C ASN C 209 13.27 -64.52 -14.63
N ARG C 210 14.49 -65.13 -14.57
CA ARG C 210 15.58 -64.91 -15.55
C ARG C 210 16.29 -66.25 -15.82
N ASN C 211 15.59 -67.12 -16.63
CA ASN C 211 16.02 -68.48 -16.97
C ASN C 211 16.05 -68.63 -18.50
#